data_3SWX
#
_entry.id   3SWX
#
_cell.length_a   126.417
_cell.length_b   77.582
_cell.length_c   85.759
_cell.angle_alpha   90.000
_cell.angle_beta   123.610
_cell.angle_gamma   90.000
#
_symmetry.space_group_name_H-M   'C 1 2 1'
#
loop_
_entity.id
_entity.type
_entity.pdbx_description
1 polymer 'Probable enoyl-CoA hydratase/isomerase'
2 non-polymer 1,2-ETHANEDIOL
3 non-polymer GLYCEROL
4 water water
#
_entity_poly.entity_id   1
_entity_poly.type   'polypeptide(L)'
_entity_poly.pdbx_seq_one_letter_code
;GPGSMSDYETLRIRRDGYVLVIGLNRPAKRNAFDKTMLEELALALGEYETDTDLRAAVLYGEGPLFTAGLDLASVAAEIQ
GGASLTPEGGINPWQVDGRQLSKPLLVAVHGKVLTLGIELALAADIVIADETATFAQLEVNRGIYPFGGATIRFPRTAGW
GNAMRWMLTADTFDAVEAHRIGIVQEIVPVGEHVDTAIAIAQTIARQAPLGVQATLRNARLAVREGDAAAEEQLVPTVRE
LFTSEDATLGVQAFLSRTTAEFVGR
;
_entity_poly.pdbx_strand_id   A,B,C
#
# COMPACT_ATOMS: atom_id res chain seq x y z
N ASP A 7 -26.72 28.10 -6.54
CA ASP A 7 -27.01 27.60 -5.16
C ASP A 7 -27.95 26.36 -5.06
N TYR A 8 -27.57 25.43 -4.19
CA TYR A 8 -28.54 24.66 -3.40
C TYR A 8 -28.80 25.61 -2.19
N GLU A 9 -28.76 25.13 -0.92
CA GLU A 9 -28.58 26.02 0.23
C GLU A 9 -27.19 25.81 0.90
N THR A 10 -26.82 24.56 1.17
CA THR A 10 -25.55 24.27 1.81
C THR A 10 -24.38 24.04 0.83
N LEU A 11 -24.63 24.10 -0.47
CA LEU A 11 -23.60 23.90 -1.48
C LEU A 11 -23.66 25.00 -2.55
N ARG A 12 -22.51 25.38 -3.09
CA ARG A 12 -22.42 26.23 -4.26
C ARG A 12 -21.95 25.33 -5.41
N ILE A 13 -22.75 25.24 -6.46
CA ILE A 13 -22.50 24.31 -7.55
C ILE A 13 -22.42 25.05 -8.87
N ARG A 14 -21.37 24.76 -9.64
CA ARG A 14 -21.27 25.30 -10.99
C ARG A 14 -20.64 24.30 -11.94
N ARG A 15 -20.88 24.52 -13.21
CA ARG A 15 -20.39 23.66 -14.25
C ARG A 15 -19.28 24.42 -14.97
N ASP A 16 -18.12 23.80 -15.12
CA ASP A 16 -17.03 24.37 -15.91
C ASP A 16 -16.79 23.41 -17.08
N GLY A 17 -17.61 23.54 -18.11
CA GLY A 17 -17.54 22.63 -19.25
C GLY A 17 -17.94 21.21 -18.84
N TYR A 18 -17.03 20.26 -19.03
CA TYR A 18 -17.26 18.89 -18.58
C TYR A 18 -17.06 18.66 -17.08
N VAL A 19 -16.66 19.70 -16.34
CA VAL A 19 -16.27 19.56 -14.93
C VAL A 19 -17.27 20.18 -13.94
N LEU A 20 -17.76 19.36 -13.03
CA LEU A 20 -18.64 19.79 -11.97
C LEU A 20 -17.80 20.26 -10.78
N VAL A 21 -18.11 21.46 -10.27
CA VAL A 21 -17.41 22.09 -9.15
C VAL A 21 -18.40 22.31 -8.01
N ILE A 22 -18.15 21.61 -6.89
CA ILE A 22 -19.01 21.66 -5.70
C ILE A 22 -18.24 22.29 -4.54
N GLY A 23 -18.73 23.43 -4.04
CA GLY A 23 -18.25 23.98 -2.78
C GLY A 23 -19.17 23.74 -1.58
N LEU A 24 -18.59 23.22 -0.48
CA LEU A 24 -19.28 23.14 0.81
C LEU A 24 -19.44 24.57 1.29
N ASN A 25 -20.66 24.94 1.68
CA ASN A 25 -21.02 26.35 1.81
C ASN A 25 -21.80 26.64 3.09
N ARG A 26 -21.20 26.27 4.23
CA ARG A 26 -21.72 26.63 5.56
C ARG A 26 -20.60 27.24 6.38
N PRO A 27 -19.94 28.27 5.84
CA PRO A 27 -18.73 28.78 6.50
C PRO A 27 -18.96 29.35 7.92
N ALA A 28 -20.15 29.87 8.20
CA ALA A 28 -20.48 30.30 9.56
C ALA A 28 -20.60 29.14 10.53
N LYS A 29 -20.73 27.92 10.00
CA LYS A 29 -20.75 26.74 10.84
C LYS A 29 -19.52 25.87 10.55
N ARG A 30 -18.48 26.50 10.00
CA ARG A 30 -17.21 25.80 9.69
C ARG A 30 -17.37 24.59 8.76
N ASN A 31 -18.34 24.70 7.84
CA ASN A 31 -18.67 23.67 6.88
C ASN A 31 -18.92 22.31 7.52
N ALA A 32 -19.47 22.33 8.72
CA ALA A 32 -19.85 21.10 9.38
C ALA A 32 -20.99 20.45 8.56
N PHE A 33 -20.93 19.15 8.43
CA PHE A 33 -21.99 18.43 7.79
C PHE A 33 -23.16 18.24 8.76
N ASP A 34 -24.23 18.98 8.52
CA ASP A 34 -25.50 18.75 9.22
C ASP A 34 -26.33 17.84 8.33
N LYS A 35 -27.52 17.46 8.79
CA LYS A 35 -28.36 16.58 7.99
C LYS A 35 -28.55 17.14 6.57
N THR A 36 -28.82 18.44 6.45
CA THR A 36 -29.09 19.04 5.13
C THR A 36 -27.92 18.94 4.13
N MET A 37 -26.70 19.27 4.57
CA MET A 37 -25.55 19.22 3.65
C MET A 37 -25.16 17.79 3.30
N LEU A 38 -25.35 16.87 4.26
CA LEU A 38 -25.14 15.44 3.99
C LEU A 38 -26.05 14.99 2.86
N GLU A 39 -27.33 15.37 2.94
CA GLU A 39 -28.31 15.00 1.94
C GLU A 39 -28.11 15.76 0.63
N GLU A 40 -27.75 17.03 0.70
CA GLU A 40 -27.48 17.78 -0.54
C GLU A 40 -26.24 17.27 -1.29
N LEU A 41 -25.20 16.92 -0.54
CA LEU A 41 -23.99 16.42 -1.18
C LEU A 41 -24.30 15.03 -1.79
N ALA A 42 -25.09 14.22 -1.08
CA ALA A 42 -25.49 12.93 -1.61
C ALA A 42 -26.27 13.08 -2.90
N LEU A 43 -27.18 14.05 -2.97
CA LEU A 43 -27.98 14.26 -4.20
C LEU A 43 -27.14 14.80 -5.35
N ALA A 44 -26.26 15.74 -5.06
CA ALA A 44 -25.41 16.33 -6.10
C ALA A 44 -24.47 15.30 -6.73
N LEU A 45 -23.86 14.47 -5.90
CA LEU A 45 -23.04 13.37 -6.40
C LEU A 45 -23.88 12.31 -7.14
N GLY A 46 -25.11 12.05 -6.68
CA GLY A 46 -26.00 11.14 -7.40
C GLY A 46 -26.33 11.69 -8.78
N GLU A 47 -26.50 12.99 -8.85
CA GLU A 47 -26.79 13.64 -10.13
C GLU A 47 -25.55 13.64 -11.04
N TYR A 48 -24.37 13.86 -10.45
CA TYR A 48 -23.10 13.80 -11.20
C TYR A 48 -23.01 12.45 -11.92
N GLU A 49 -23.26 11.40 -11.14
CA GLU A 49 -23.20 10.01 -11.57
C GLU A 49 -24.04 9.73 -12.82
N THR A 50 -25.23 10.28 -12.89
CA THR A 50 -26.08 9.97 -14.05
C THR A 50 -26.03 11.03 -15.16
N ASP A 51 -25.34 12.14 -14.95
CA ASP A 51 -25.19 13.17 -16.00
C ASP A 51 -24.01 12.83 -16.92
N THR A 52 -24.32 12.35 -18.12
CA THR A 52 -23.27 11.92 -19.04
C THR A 52 -22.46 13.09 -19.63
N ASP A 53 -22.95 14.32 -19.50
CA ASP A 53 -22.15 15.51 -19.85
C ASP A 53 -21.10 15.92 -18.82
N LEU A 54 -21.04 15.26 -17.67
CA LEU A 54 -19.99 15.53 -16.67
C LEU A 54 -18.94 14.42 -16.68
N ARG A 55 -17.67 14.78 -16.84
CA ARG A 55 -16.58 13.80 -16.90
C ARG A 55 -15.66 13.76 -15.68
N ALA A 56 -15.83 14.74 -14.79
CA ALA A 56 -15.05 14.83 -13.57
C ALA A 56 -15.76 15.79 -12.62
N ALA A 57 -15.53 15.62 -11.33
CA ALA A 57 -16.07 16.50 -10.32
C ALA A 57 -15.00 16.91 -9.33
N VAL A 58 -15.09 18.15 -8.89
CA VAL A 58 -14.19 18.74 -7.91
C VAL A 58 -14.99 19.20 -6.71
N LEU A 59 -14.53 18.81 -5.52
CA LEU A 59 -15.18 19.14 -4.26
C LEU A 59 -14.21 19.94 -3.42
N TYR A 60 -14.65 21.09 -2.92
CA TYR A 60 -13.84 21.96 -2.08
C TYR A 60 -14.71 22.58 -1.01
N GLY A 61 -14.10 23.39 -0.14
CA GLY A 61 -14.81 24.12 0.90
C GLY A 61 -14.74 25.62 0.75
N GLU A 62 -15.88 26.30 0.86
CA GLU A 62 -15.91 27.77 0.85
C GLU A 62 -15.42 28.30 2.20
N GLY A 63 -14.86 29.51 2.19
CA GLY A 63 -14.39 30.17 3.41
C GLY A 63 -13.08 29.62 3.96
N PRO A 64 -12.91 29.68 5.29
CA PRO A 64 -11.60 29.42 5.90
C PRO A 64 -11.06 28.01 5.94
N LEU A 65 -11.91 27.00 5.82
CA LEU A 65 -11.46 25.62 5.93
C LEU A 65 -12.32 24.67 5.10
N PHE A 66 -11.82 23.47 4.90
CA PHE A 66 -12.57 22.45 4.19
C PHE A 66 -13.81 21.96 4.96
N THR A 67 -13.63 21.31 6.10
CA THR A 67 -14.76 20.96 6.98
C THR A 67 -14.33 20.71 8.42
N ALA A 68 -15.15 21.16 9.38
CA ALA A 68 -14.96 20.85 10.79
C ALA A 68 -15.54 19.49 11.23
N GLY A 69 -16.09 18.72 10.28
CA GLY A 69 -16.59 17.39 10.55
C GLY A 69 -18.10 17.34 10.67
N LEU A 70 -18.58 16.42 11.51
CA LEU A 70 -19.99 16.15 11.66
C LEU A 70 -20.64 17.11 12.64
N ASP A 71 -21.85 17.56 12.31
CA ASP A 71 -22.72 18.22 13.27
C ASP A 71 -23.61 17.12 13.89
N LEU A 72 -23.12 16.47 14.95
CA LEU A 72 -23.77 15.29 15.55
C LEU A 72 -25.22 15.53 15.98
N ALA A 73 -25.47 16.64 16.67
CA ALA A 73 -26.82 17.05 17.08
C ALA A 73 -27.79 16.92 15.90
N SER A 74 -27.39 17.41 14.75
CA SER A 74 -28.22 17.40 13.54
C SER A 74 -28.67 16.00 13.09
N VAL A 75 -27.84 14.99 13.31
CA VAL A 75 -28.11 13.63 12.83
C VAL A 75 -28.31 12.58 13.93
N ALA A 76 -28.05 12.95 15.19
CA ALA A 76 -27.99 12.00 16.32
C ALA A 76 -29.14 10.99 16.32
N ALA A 77 -30.36 11.47 16.13
CA ALA A 77 -31.52 10.59 16.11
C ALA A 77 -31.37 9.50 15.03
N GLU A 78 -30.97 9.93 13.83
CA GLU A 78 -30.85 9.04 12.67
C GLU A 78 -29.84 7.93 12.92
N ILE A 79 -28.60 8.28 13.26
CA ILE A 79 -27.58 7.25 13.47
C ILE A 79 -28.00 6.35 14.65
N GLN A 80 -28.31 6.95 15.79
CA GLN A 80 -28.74 6.20 16.97
C GLN A 80 -30.11 5.58 16.71
N ALA A 83 -30.69 4.70 10.85
CA ALA A 83 -31.38 5.29 9.70
C ALA A 83 -30.41 5.87 8.66
N SER A 84 -30.65 5.56 7.38
CA SER A 84 -29.85 6.06 6.28
C SER A 84 -30.08 7.55 6.04
N LEU A 85 -28.99 8.24 5.71
CA LEU A 85 -29.03 9.64 5.34
C LEU A 85 -28.84 9.87 3.84
N THR A 86 -28.99 8.80 3.05
CA THR A 86 -28.89 8.92 1.59
C THR A 86 -30.29 9.00 1.01
N PRO A 87 -30.65 10.15 0.43
CA PRO A 87 -31.97 10.24 -0.19
C PRO A 87 -32.04 9.53 -1.54
N GLU A 88 -33.27 9.31 -2.02
CA GLU A 88 -33.52 8.69 -3.31
C GLU A 88 -32.84 9.47 -4.43
N GLY A 89 -32.14 8.77 -5.30
CA GLY A 89 -31.31 9.43 -6.29
C GLY A 89 -29.96 9.89 -5.73
N GLY A 90 -29.74 9.75 -4.44
CA GLY A 90 -28.46 10.16 -3.84
C GLY A 90 -27.47 8.99 -3.80
N ILE A 91 -26.19 9.31 -3.62
CA ILE A 91 -25.17 8.34 -3.26
C ILE A 91 -24.42 8.85 -2.05
N ASN A 92 -24.15 7.96 -1.09
CA ASN A 92 -23.34 8.30 0.09
C ASN A 92 -22.01 8.85 -0.40
N PRO A 93 -21.70 10.11 -0.10
CA PRO A 93 -20.47 10.73 -0.60
C PRO A 93 -19.22 9.98 -0.15
N TRP A 94 -19.29 9.34 1.01
CA TRP A 94 -18.17 8.55 1.55
C TRP A 94 -18.09 7.12 0.95
N GLN A 95 -19.17 6.71 0.27
CA GLN A 95 -19.14 5.55 -0.63
C GLN A 95 -18.76 4.25 0.09
N VAL A 96 -19.35 4.10 1.28
CA VAL A 96 -19.09 2.97 2.15
C VAL A 96 -20.33 2.09 2.38
N ASP A 97 -21.36 2.23 1.54
CA ASP A 97 -22.57 1.43 1.65
C ASP A 97 -22.72 0.39 0.53
N GLY A 98 -21.66 0.13 -0.23
CA GLY A 98 -21.70 -0.87 -1.30
C GLY A 98 -21.77 -0.25 -2.68
N ARG A 99 -21.73 1.08 -2.77
CA ARG A 99 -21.79 1.74 -4.05
C ARG A 99 -20.80 2.87 -4.13
N GLN A 100 -20.12 2.97 -5.28
CA GLN A 100 -19.14 4.00 -5.53
C GLN A 100 -19.39 4.71 -6.85
N LEU A 101 -18.86 5.92 -6.95
CA LEU A 101 -18.98 6.73 -8.16
C LEU A 101 -18.34 5.99 -9.33
N SER A 102 -18.94 6.12 -10.52
CA SER A 102 -18.35 5.54 -11.76
C SER A 102 -17.34 6.45 -12.45
N LYS A 103 -17.27 7.69 -11.98
CA LYS A 103 -16.51 8.74 -12.63
C LYS A 103 -15.71 9.48 -11.56
N PRO A 104 -14.66 10.20 -11.98
CA PRO A 104 -13.67 10.66 -11.03
C PRO A 104 -14.15 11.79 -10.13
N LEU A 105 -13.61 11.80 -8.92
CA LEU A 105 -13.88 12.82 -7.94
C LEU A 105 -12.54 13.30 -7.45
N LEU A 106 -12.35 14.61 -7.51
CA LEU A 106 -11.16 15.25 -6.93
C LEU A 106 -11.56 16.08 -5.70
N VAL A 107 -10.74 16.06 -4.67
CA VAL A 107 -11.00 16.86 -3.48
C VAL A 107 -9.84 17.85 -3.27
N ALA A 108 -10.20 19.11 -3.11
CA ALA A 108 -9.26 20.19 -2.91
C ALA A 108 -9.43 20.72 -1.47
N VAL A 109 -8.37 20.59 -0.67
CA VAL A 109 -8.41 20.96 0.74
C VAL A 109 -7.45 22.11 1.12
N HIS A 110 -7.89 22.90 2.09
CA HIS A 110 -7.15 23.99 2.69
C HIS A 110 -7.62 24.13 4.14
N GLY A 111 -6.80 24.74 4.99
CA GLY A 111 -7.17 24.92 6.38
C GLY A 111 -7.47 23.58 7.07
N LYS A 112 -8.39 23.58 8.02
CA LYS A 112 -8.65 22.36 8.79
C LYS A 112 -9.46 21.36 7.98
N VAL A 113 -9.01 20.12 8.05
CA VAL A 113 -9.68 18.95 7.49
C VAL A 113 -9.84 17.95 8.63
N LEU A 114 -10.99 18.00 9.30
CA LEU A 114 -11.25 17.20 10.47
C LEU A 114 -12.18 15.99 10.15
N THR A 115 -11.94 14.90 10.88
CA THR A 115 -12.79 13.70 10.91
C THR A 115 -13.31 13.29 9.53
N LEU A 116 -14.59 13.50 9.25
CA LEU A 116 -15.20 13.08 7.97
C LEU A 116 -14.55 13.72 6.76
N GLY A 117 -13.90 14.86 6.98
CA GLY A 117 -13.12 15.50 5.91
C GLY A 117 -11.95 14.67 5.42
N ILE A 118 -11.22 14.05 6.35
CA ILE A 118 -10.13 13.15 5.95
C ILE A 118 -10.74 12.04 5.10
N GLU A 119 -11.91 11.54 5.51
CA GLU A 119 -12.57 10.37 4.90
C GLU A 119 -13.16 10.69 3.52
N LEU A 120 -13.56 11.94 3.29
CA LEU A 120 -13.99 12.38 1.95
C LEU A 120 -12.80 12.39 1.01
N ALA A 121 -11.68 12.92 1.50
CA ALA A 121 -10.42 12.93 0.74
C ALA A 121 -10.05 11.50 0.37
N LEU A 122 -10.15 10.58 1.36
CA LEU A 122 -9.88 9.15 1.11
C LEU A 122 -10.86 8.45 0.14
N ALA A 123 -12.12 8.89 0.11
CA ALA A 123 -13.09 8.31 -0.80
C ALA A 123 -12.86 8.77 -2.26
N ALA A 124 -12.15 9.89 -2.41
CA ALA A 124 -11.91 10.51 -3.71
C ALA A 124 -10.81 9.79 -4.48
N ASP A 125 -10.58 10.23 -5.72
CA ASP A 125 -9.53 9.65 -6.55
C ASP A 125 -8.24 10.46 -6.56
N ILE A 126 -8.33 11.76 -6.34
CA ILE A 126 -7.17 12.64 -6.35
C ILE A 126 -7.43 13.76 -5.34
N VAL A 127 -6.42 14.05 -4.52
CA VAL A 127 -6.52 15.04 -3.47
C VAL A 127 -5.41 16.09 -3.60
N ILE A 128 -5.81 17.35 -3.68
CA ILE A 128 -4.88 18.44 -3.76
C ILE A 128 -5.02 19.26 -2.49
N ALA A 129 -3.90 19.61 -1.87
CA ALA A 129 -3.89 20.45 -0.68
C ALA A 129 -3.14 21.74 -0.95
N ASP A 130 -3.65 22.88 -0.48
CA ASP A 130 -2.76 24.02 -0.35
C ASP A 130 -1.88 23.85 0.92
N GLU A 131 -0.89 24.73 1.05
CA GLU A 131 0.12 24.60 2.09
C GLU A 131 -0.40 24.78 3.51
N THR A 132 -1.59 25.37 3.68
CA THR A 132 -2.19 25.60 5.00
C THR A 132 -2.97 24.41 5.58
N ALA A 133 -3.21 23.37 4.78
CA ALA A 133 -4.11 22.28 5.20
C ALA A 133 -3.54 21.51 6.36
N THR A 134 -4.37 21.31 7.38
CA THR A 134 -4.01 20.40 8.49
C THR A 134 -5.15 19.42 8.69
N PHE A 135 -4.81 18.28 9.29
CA PHE A 135 -5.70 17.10 9.32
C PHE A 135 -5.75 16.56 10.76
N ALA A 136 -6.92 16.18 11.23
CA ALA A 136 -7.04 15.51 12.54
C ALA A 136 -8.19 14.53 12.57
N GLN A 137 -7.88 13.27 12.87
CA GLN A 137 -8.86 12.21 13.01
C GLN A 137 -9.30 12.17 14.48
N LEU A 138 -10.18 13.12 14.82
CA LEU A 138 -10.52 13.40 16.22
C LEU A 138 -11.48 12.41 16.88
N GLU A 139 -12.03 11.47 16.13
CA GLU A 139 -13.14 10.62 16.63
C GLU A 139 -12.85 9.89 17.96
N VAL A 140 -11.68 9.26 18.09
CA VAL A 140 -11.33 8.60 19.35
C VAL A 140 -11.16 9.60 20.49
N ASN A 141 -10.87 10.87 20.17
CA ASN A 141 -10.79 11.94 21.19
C ASN A 141 -12.19 12.30 21.72
N ARG A 142 -13.24 11.88 21.04
CA ARG A 142 -14.60 12.23 21.40
C ARG A 142 -15.48 11.05 21.85
N GLY A 143 -14.86 9.92 22.13
CA GLY A 143 -15.61 8.77 22.62
C GLY A 143 -16.08 7.77 21.57
N ILE A 144 -15.85 8.04 20.28
CA ILE A 144 -16.26 7.12 19.20
C ILE A 144 -15.05 6.70 18.34
N TYR A 145 -15.22 6.49 17.04
CA TYR A 145 -14.11 6.08 16.18
C TYR A 145 -14.40 6.51 14.74
N PRO A 146 -13.42 6.45 13.84
CA PRO A 146 -13.76 6.87 12.46
C PRO A 146 -14.70 5.87 11.76
N PHE A 147 -15.86 6.35 11.31
CA PHE A 147 -16.84 5.43 10.75
C PHE A 147 -17.25 5.77 9.34
N GLY A 148 -16.45 6.58 8.67
CA GLY A 148 -16.70 6.93 7.28
C GLY A 148 -15.68 6.34 6.31
N GLY A 149 -15.00 5.27 6.71
CA GLY A 149 -14.07 4.56 5.84
C GLY A 149 -12.57 4.70 6.09
N ALA A 150 -12.16 5.58 7.02
CA ALA A 150 -10.73 5.74 7.31
C ALA A 150 -10.11 4.41 7.75
N THR A 151 -10.85 3.60 8.49
CA THR A 151 -10.34 2.32 9.00
C THR A 151 -9.96 1.35 7.85
N ILE A 152 -10.61 1.51 6.71
CA ILE A 152 -10.32 0.71 5.51
C ILE A 152 -9.27 1.38 4.62
N ARG A 153 -9.48 2.65 4.29
CA ARG A 153 -8.71 3.30 3.25
C ARG A 153 -7.44 3.94 3.72
N PHE A 154 -7.39 4.34 5.00
CA PHE A 154 -6.21 5.05 5.48
C PHE A 154 -5.02 4.06 5.56
N PRO A 155 -5.20 2.89 6.20
CA PRO A 155 -4.08 1.89 6.16
C PRO A 155 -3.70 1.41 4.77
N ARG A 156 -4.67 1.28 3.86
CA ARG A 156 -4.34 0.85 2.50
C ARG A 156 -3.51 1.91 1.75
N THR A 157 -3.91 3.17 1.84
CA THR A 157 -3.17 4.25 1.20
C THR A 157 -1.82 4.60 1.87
N ALA A 158 -1.82 4.80 3.19
CA ALA A 158 -0.63 5.27 3.89
C ALA A 158 0.27 4.15 4.43
N GLY A 159 -0.26 2.93 4.49
CA GLY A 159 0.39 1.87 5.25
C GLY A 159 -0.20 1.83 6.66
N TRP A 160 -0.16 0.65 7.28
CA TRP A 160 -0.82 0.47 8.58
C TRP A 160 -0.25 1.40 9.63
N GLY A 161 1.06 1.41 9.77
CA GLY A 161 1.72 2.23 10.79
C GLY A 161 1.46 3.71 10.64
N ASN A 162 1.67 4.23 9.44
CA ASN A 162 1.40 5.67 9.18
C ASN A 162 -0.05 6.05 9.47
N ALA A 163 -0.99 5.18 9.08
CA ALA A 163 -2.42 5.39 9.39
C ALA A 163 -2.72 5.39 10.90
N MET A 164 -2.30 4.35 11.60
CA MET A 164 -2.56 4.24 13.05
C MET A 164 -1.87 5.30 13.91
N ARG A 165 -0.71 5.80 13.49
CA ARG A 165 -0.08 6.95 14.16
C ARG A 165 -1.07 8.11 14.34
N TRP A 166 -1.91 8.36 13.34
CA TRP A 166 -2.88 9.47 13.39
C TRP A 166 -4.29 9.04 13.85
N MET A 167 -4.74 7.85 13.45
CA MET A 167 -6.06 7.37 13.84
C MET A 167 -6.20 7.04 15.33
N LEU A 168 -5.13 6.52 15.93
CA LEU A 168 -5.19 6.08 17.33
C LEU A 168 -4.93 7.20 18.34
N THR A 169 -4.30 8.29 17.87
CA THR A 169 -3.90 9.39 18.72
C THR A 169 -4.80 10.59 18.65
N ALA A 170 -5.47 10.77 17.51
CA ALA A 170 -6.19 12.02 17.22
C ALA A 170 -5.28 13.26 17.08
N ASP A 171 -3.98 13.04 16.92
CA ASP A 171 -3.02 14.13 16.76
C ASP A 171 -3.17 14.79 15.39
N THR A 172 -2.87 16.07 15.34
CA THR A 172 -2.97 16.87 14.13
C THR A 172 -1.72 16.65 13.29
N PHE A 173 -1.90 16.40 11.99
CA PHE A 173 -0.75 16.38 11.09
C PHE A 173 -0.97 17.36 9.95
N ASP A 174 0.09 17.73 9.26
CA ASP A 174 0.04 18.83 8.29
C ASP A 174 0.12 18.34 6.84
N ALA A 175 0.06 19.27 5.89
CA ALA A 175 0.03 18.92 4.45
C ALA A 175 1.24 18.10 4.01
N VAL A 176 2.41 18.44 4.53
CA VAL A 176 3.66 17.75 4.17
C VAL A 176 3.58 16.28 4.60
N GLU A 177 3.05 16.03 5.79
CA GLU A 177 2.92 14.64 6.26
C GLU A 177 1.83 13.89 5.47
N ALA A 178 0.71 14.56 5.20
CA ALA A 178 -0.39 13.95 4.43
C ALA A 178 0.06 13.57 3.01
N HIS A 179 0.94 14.40 2.45
CA HIS A 179 1.58 14.12 1.17
C HIS A 179 2.59 12.97 1.26
N ARG A 180 3.40 12.96 2.32
CA ARG A 180 4.42 11.93 2.52
C ARG A 180 3.75 10.55 2.54
N ILE A 181 2.59 10.45 3.18
CA ILE A 181 1.99 9.15 3.44
C ILE A 181 0.93 8.79 2.40
N GLY A 182 0.82 9.58 1.32
CA GLY A 182 0.02 9.19 0.18
C GLY A 182 -1.41 9.72 0.08
N ILE A 183 -1.92 10.38 1.13
CA ILE A 183 -3.31 10.91 1.14
C ILE A 183 -3.48 12.11 0.21
N VAL A 184 -2.46 12.97 0.17
CA VAL A 184 -2.44 14.15 -0.66
C VAL A 184 -1.47 13.93 -1.83
N GLN A 185 -1.91 14.23 -3.04
CA GLN A 185 -1.10 13.97 -4.23
C GLN A 185 -0.17 15.12 -4.57
N GLU A 186 -0.57 16.33 -4.19
CA GLU A 186 0.21 17.51 -4.48
C GLU A 186 -0.11 18.63 -3.49
N ILE A 187 0.92 19.34 -3.05
CA ILE A 187 0.75 20.53 -2.25
C ILE A 187 1.06 21.73 -3.13
N VAL A 188 0.20 22.74 -3.07
CA VAL A 188 0.30 23.94 -3.89
C VAL A 188 0.27 25.17 -2.98
N PRO A 189 0.74 26.32 -3.48
CA PRO A 189 0.70 27.53 -2.66
C PRO A 189 -0.69 27.90 -2.13
N VAL A 190 -0.73 28.69 -1.06
CA VAL A 190 -1.97 29.12 -0.43
C VAL A 190 -3.03 29.56 -1.45
N GLY A 191 -4.21 28.96 -1.37
CA GLY A 191 -5.36 29.36 -2.18
C GLY A 191 -5.39 28.84 -3.61
N GLU A 192 -4.41 28.03 -4.01
CA GLU A 192 -4.36 27.52 -5.39
C GLU A 192 -4.90 26.09 -5.57
N HIS A 193 -5.35 25.51 -4.46
CA HIS A 193 -5.88 24.14 -4.42
C HIS A 193 -7.07 23.85 -5.34
N VAL A 194 -8.07 24.72 -5.36
CA VAL A 194 -9.25 24.51 -6.23
C VAL A 194 -8.87 24.64 -7.71
N ASP A 195 -8.13 25.69 -8.06
CA ASP A 195 -7.66 25.90 -9.42
C ASP A 195 -6.84 24.73 -9.96
N THR A 196 -5.94 24.21 -9.14
CA THR A 196 -5.14 23.05 -9.53
C THR A 196 -5.97 21.79 -9.70
N ALA A 197 -6.86 21.54 -8.75
CA ALA A 197 -7.79 20.41 -8.85
C ALA A 197 -8.61 20.53 -10.13
N ILE A 198 -9.09 21.74 -10.43
CA ILE A 198 -9.88 21.95 -11.66
C ILE A 198 -9.06 21.72 -12.92
N ALA A 199 -7.81 22.18 -12.93
CA ALA A 199 -6.91 21.94 -14.06
C ALA A 199 -6.69 20.45 -14.33
N ILE A 200 -6.50 19.67 -13.28
CA ILE A 200 -6.39 18.22 -13.39
C ILE A 200 -7.70 17.57 -13.86
N ALA A 201 -8.83 18.02 -13.30
CA ALA A 201 -10.16 17.61 -13.74
C ALA A 201 -10.37 17.86 -15.22
N GLN A 202 -9.94 19.02 -15.72
CA GLN A 202 -10.02 19.31 -17.16
C GLN A 202 -9.14 18.39 -18.00
N THR A 203 -7.94 18.08 -17.51
CA THR A 203 -7.10 17.10 -18.21
C THR A 203 -7.82 15.77 -18.28
N ILE A 204 -8.45 15.36 -17.18
CA ILE A 204 -9.23 14.12 -17.19
C ILE A 204 -10.36 14.17 -18.20
N ALA A 205 -11.03 15.32 -18.25
CA ALA A 205 -12.17 15.53 -19.14
C ALA A 205 -11.79 15.54 -20.62
N ARG A 206 -10.52 15.71 -20.94
CA ARG A 206 -10.04 15.60 -22.32
C ARG A 206 -9.76 14.14 -22.75
N GLN A 207 -9.69 13.23 -21.80
CA GLN A 207 -9.40 11.83 -22.12
C GLN A 207 -10.71 11.09 -22.46
N ALA A 208 -10.60 9.85 -22.95
CA ALA A 208 -11.76 9.06 -23.37
C ALA A 208 -12.59 8.65 -22.16
N PRO A 209 -13.85 9.09 -22.07
CA PRO A 209 -14.62 8.82 -20.86
C PRO A 209 -14.85 7.34 -20.52
N LEU A 210 -15.09 6.49 -21.52
CA LEU A 210 -15.25 5.06 -21.24
C LEU A 210 -13.94 4.41 -20.83
N GLY A 211 -12.82 5.00 -21.26
CA GLY A 211 -11.49 4.56 -20.79
C GLY A 211 -11.25 4.96 -19.33
N VAL A 212 -11.61 6.20 -18.99
CA VAL A 212 -11.52 6.68 -17.61
C VAL A 212 -12.39 5.81 -16.69
N GLN A 213 -13.61 5.55 -17.13
CA GLN A 213 -14.55 4.74 -16.34
C GLN A 213 -14.09 3.29 -16.18
N ALA A 214 -13.54 2.71 -17.25
CA ALA A 214 -12.99 1.35 -17.22
C ALA A 214 -11.81 1.23 -16.24
N THR A 215 -10.97 2.27 -16.22
CA THR A 215 -9.81 2.32 -15.30
C THR A 215 -10.29 2.25 -13.84
N LEU A 216 -11.24 3.11 -13.50
CA LEU A 216 -11.88 3.11 -12.17
C LEU A 216 -12.59 1.78 -11.86
N ARG A 217 -13.41 1.31 -12.77
CA ARG A 217 -14.18 0.10 -12.55
C ARG A 217 -13.30 -1.13 -12.31
N ASN A 218 -12.28 -1.32 -13.14
CA ASN A 218 -11.38 -2.48 -12.98
C ASN A 218 -10.52 -2.37 -11.73
N ALA A 219 -10.06 -1.17 -11.41
CA ALA A 219 -9.28 -0.98 -10.18
C ALA A 219 -10.15 -1.25 -8.93
N ARG A 220 -11.42 -0.85 -8.98
CA ARG A 220 -12.32 -1.13 -7.87
C ARG A 220 -12.61 -2.63 -7.78
N LEU A 221 -12.79 -3.27 -8.91
CA LEU A 221 -13.04 -4.72 -8.93
C LEU A 221 -11.91 -5.50 -8.25
N ALA A 222 -10.66 -5.09 -8.52
CA ALA A 222 -9.47 -5.69 -7.90
C ALA A 222 -9.53 -5.60 -6.39
N VAL A 223 -9.93 -4.42 -5.89
CA VAL A 223 -10.06 -4.21 -4.45
C VAL A 223 -11.21 -5.04 -3.86
N ARG A 224 -12.36 -5.06 -4.52
CA ARG A 224 -13.55 -5.66 -3.92
C ARG A 224 -13.63 -7.16 -4.15
N GLU A 225 -13.11 -7.63 -5.27
CA GLU A 225 -13.19 -9.06 -5.60
C GLU A 225 -11.85 -9.77 -5.73
N GLY A 226 -10.77 -9.04 -5.93
CA GLY A 226 -9.44 -9.65 -5.96
C GLY A 226 -8.79 -9.61 -7.32
N ASP A 227 -7.51 -9.95 -7.35
CA ASP A 227 -6.69 -9.85 -8.55
C ASP A 227 -7.25 -10.67 -9.70
N ALA A 228 -7.62 -11.92 -9.42
CA ALA A 228 -8.20 -12.78 -10.46
C ALA A 228 -9.43 -12.16 -11.10
N ALA A 229 -10.30 -11.59 -10.28
CA ALA A 229 -11.53 -10.98 -10.77
C ALA A 229 -11.22 -9.84 -11.72
N ALA A 230 -10.31 -8.96 -11.32
CA ALA A 230 -9.89 -7.87 -12.18
C ALA A 230 -9.15 -8.36 -13.45
N GLU A 231 -8.19 -9.28 -13.28
CA GLU A 231 -7.46 -9.85 -14.42
C GLU A 231 -8.38 -10.40 -15.51
N GLU A 232 -9.39 -11.16 -15.10
CA GLU A 232 -10.31 -11.82 -16.02
C GLU A 232 -11.04 -10.80 -16.95
N GLN A 233 -11.23 -9.57 -16.47
CA GLN A 233 -11.93 -8.55 -17.21
C GLN A 233 -11.01 -7.75 -18.13
N LEU A 234 -9.70 -7.89 -17.99
CA LEU A 234 -8.79 -6.96 -18.68
C LEU A 234 -8.99 -6.93 -20.19
N VAL A 235 -8.87 -8.09 -20.81
CA VAL A 235 -9.00 -8.21 -22.26
C VAL A 235 -10.43 -8.06 -22.76
N PRO A 236 -11.43 -8.68 -22.09
CA PRO A 236 -12.82 -8.41 -22.51
C PRO A 236 -13.17 -6.91 -22.50
N THR A 237 -12.68 -6.18 -21.50
CA THR A 237 -12.92 -4.76 -21.41
C THR A 237 -12.21 -3.96 -22.50
N VAL A 238 -10.94 -4.26 -22.77
CA VAL A 238 -10.26 -3.56 -23.84
C VAL A 238 -10.89 -3.86 -25.19
N ARG A 239 -11.36 -5.09 -25.37
CA ARG A 239 -12.03 -5.47 -26.61
C ARG A 239 -13.29 -4.64 -26.88
N GLU A 240 -14.14 -4.51 -25.86
CA GLU A 240 -15.32 -3.66 -25.92
C GLU A 240 -14.92 -2.21 -26.25
N LEU A 241 -13.89 -1.69 -25.56
CA LEU A 241 -13.43 -0.32 -25.85
C LEU A 241 -12.93 -0.16 -27.29
N PHE A 242 -12.28 -1.18 -27.85
CA PHE A 242 -11.81 -1.12 -29.23
C PHE A 242 -12.95 -0.99 -30.24
N THR A 243 -14.14 -1.41 -29.83
CA THR A 243 -15.39 -1.29 -30.58
C THR A 243 -16.04 0.12 -30.51
N SER A 244 -15.58 0.97 -29.59
CA SER A 244 -16.18 2.28 -29.36
C SER A 244 -15.79 3.28 -30.45
N GLU A 245 -16.65 4.26 -30.66
CA GLU A 245 -16.33 5.40 -31.51
C GLU A 245 -15.05 6.12 -31.03
N ASP A 246 -14.90 6.24 -29.71
CA ASP A 246 -13.73 6.93 -29.15
C ASP A 246 -12.41 6.21 -29.43
N ALA A 247 -12.44 4.88 -29.51
CA ALA A 247 -11.23 4.11 -29.92
C ALA A 247 -10.84 4.47 -31.36
N THR A 248 -11.84 4.57 -32.23
CA THR A 248 -11.59 4.95 -33.62
C THR A 248 -11.08 6.37 -33.72
N LEU A 249 -11.73 7.31 -33.02
CA LEU A 249 -11.26 8.68 -32.98
C LEU A 249 -9.87 8.77 -32.36
N GLY A 250 -9.56 7.89 -31.40
CA GLY A 250 -8.22 7.84 -30.80
C GLY A 250 -7.16 7.34 -31.77
N VAL A 251 -7.48 6.30 -32.53
CA VAL A 251 -6.58 5.78 -33.57
C VAL A 251 -6.40 6.81 -34.69
N GLN A 252 -7.50 7.52 -35.04
CA GLN A 252 -7.45 8.53 -36.10
C GLN A 252 -6.54 9.70 -35.71
N ALA A 253 -6.58 10.07 -34.43
CA ALA A 253 -5.73 11.16 -33.93
C ALA A 253 -4.25 10.78 -33.88
N PHE A 254 -3.94 9.55 -33.47
CA PHE A 254 -2.55 9.11 -33.38
C PHE A 254 -1.89 9.05 -34.76
N LEU A 255 -2.57 8.42 -35.71
CA LEU A 255 -2.03 8.19 -37.03
C LEU A 255 -2.04 9.46 -37.88
N SER A 256 -2.83 10.45 -37.49
CA SER A 256 -2.91 11.73 -38.20
C SER A 256 -2.39 12.91 -37.38
N ARG A 257 -1.65 12.61 -36.30
CA ARG A 257 -0.95 13.62 -35.49
C ARG A 257 -1.85 14.66 -34.79
N THR A 258 -3.16 14.48 -34.84
CA THR A 258 -4.13 15.43 -34.31
C THR A 258 -4.54 15.07 -32.88
N THR A 259 -5.22 15.99 -32.21
CA THR A 259 -5.79 15.76 -30.89
C THR A 259 -7.26 15.34 -31.05
N ALA A 260 -7.66 14.24 -30.41
CA ALA A 260 -9.05 13.74 -30.53
C ALA A 260 -10.04 14.53 -29.64
N GLU A 261 -11.28 14.67 -30.12
CA GLU A 261 -12.39 15.16 -29.33
C GLU A 261 -13.32 13.99 -29.07
N PHE A 262 -13.13 13.35 -27.92
CA PHE A 262 -13.85 12.13 -27.59
C PHE A 262 -15.30 12.47 -27.27
N VAL A 263 -16.19 11.51 -27.51
CA VAL A 263 -17.63 11.72 -27.38
C VAL A 263 -18.28 10.81 -26.31
N GLY A 264 -17.49 9.94 -25.68
CA GLY A 264 -18.02 9.08 -24.63
C GLY A 264 -18.85 7.90 -25.12
N ARG A 265 -18.61 7.46 -26.33
CA ARG A 265 -19.17 6.21 -26.79
C ARG A 265 -18.23 5.65 -27.85
N ASP B 7 18.95 -17.62 -32.57
CA ASP B 7 17.84 -17.75 -31.56
C ASP B 7 16.80 -16.60 -31.68
N TYR B 8 16.85 -15.59 -30.81
CA TYR B 8 15.79 -14.56 -30.79
C TYR B 8 16.08 -13.38 -31.74
N GLU B 9 15.09 -13.00 -32.54
CA GLU B 9 15.23 -11.88 -33.48
C GLU B 9 15.13 -10.51 -32.78
N THR B 10 14.27 -10.40 -31.77
CA THR B 10 13.96 -9.11 -31.12
C THR B 10 14.47 -8.94 -29.67
N LEU B 11 15.16 -9.94 -29.15
CA LEU B 11 15.78 -9.84 -27.81
C LEU B 11 17.27 -10.12 -27.86
N ARG B 12 18.02 -9.38 -27.05
CA ARG B 12 19.41 -9.64 -26.83
C ARG B 12 19.56 -10.34 -25.48
N ILE B 13 20.01 -11.58 -25.50
CA ILE B 13 20.11 -12.36 -24.30
C ILE B 13 21.56 -12.69 -23.95
N ARG B 14 21.91 -12.51 -22.68
CA ARG B 14 23.20 -12.91 -22.16
C ARG B 14 23.01 -13.51 -20.79
N ARG B 15 24.01 -14.26 -20.35
CA ARG B 15 24.08 -14.82 -18.99
C ARG B 15 25.33 -14.34 -18.27
N ASP B 16 25.14 -13.93 -17.02
CA ASP B 16 26.21 -13.55 -16.15
C ASP B 16 26.06 -14.44 -14.92
N GLY B 17 26.65 -15.63 -15.03
CA GLY B 17 26.55 -16.67 -14.00
C GLY B 17 25.13 -17.13 -13.80
N TYR B 18 24.61 -16.93 -12.58
CA TYR B 18 23.23 -17.29 -12.25
C TYR B 18 22.20 -16.26 -12.72
N VAL B 19 22.63 -15.17 -13.35
CA VAL B 19 21.71 -14.10 -13.70
C VAL B 19 21.48 -14.06 -15.21
N LEU B 20 20.20 -14.07 -15.62
CA LEU B 20 19.82 -13.88 -17.01
C LEU B 20 19.61 -12.40 -17.31
N VAL B 21 20.16 -11.93 -18.41
CA VAL B 21 20.04 -10.52 -18.82
C VAL B 21 19.35 -10.47 -20.19
N ILE B 22 18.14 -9.93 -20.23
CA ILE B 22 17.34 -9.88 -21.43
C ILE B 22 17.18 -8.45 -21.84
N GLY B 23 17.56 -8.15 -23.08
CA GLY B 23 17.44 -6.81 -23.62
C GLY B 23 16.39 -6.75 -24.72
N LEU B 24 15.38 -5.90 -24.55
CA LEU B 24 14.47 -5.62 -25.65
C LEU B 24 15.33 -5.04 -26.75
N ASN B 25 15.21 -5.58 -27.95
CA ASN B 25 16.17 -5.21 -28.99
C ASN B 25 15.51 -4.88 -30.33
N ARG B 26 14.60 -3.89 -30.34
CA ARG B 26 14.09 -3.29 -31.59
C ARG B 26 14.33 -1.79 -31.54
N PRO B 27 15.59 -1.40 -31.36
CA PRO B 27 15.90 0.00 -31.04
C PRO B 27 15.45 1.00 -32.11
N ALA B 28 15.54 0.64 -33.39
CA ALA B 28 15.03 1.49 -34.50
C ALA B 28 13.52 1.76 -34.41
N LYS B 29 12.79 0.89 -33.71
CA LYS B 29 11.36 1.06 -33.49
C LYS B 29 11.07 1.42 -32.00
N ARG B 30 12.09 1.88 -31.28
CA ARG B 30 11.94 2.33 -29.90
C ARG B 30 11.40 1.23 -28.98
N ASN B 31 11.77 0.00 -29.30
CA ASN B 31 11.35 -1.18 -28.57
C ASN B 31 9.84 -1.32 -28.41
N ALA B 32 9.09 -0.92 -29.44
CA ALA B 32 7.65 -1.13 -29.44
C ALA B 32 7.36 -2.63 -29.54
N PHE B 33 6.44 -3.13 -28.74
CA PHE B 33 6.10 -4.54 -28.74
C PHE B 33 5.24 -4.90 -29.95
N ASP B 34 5.87 -5.56 -30.92
CA ASP B 34 5.13 -6.16 -32.02
C ASP B 34 4.79 -7.60 -31.63
N LYS B 35 4.10 -8.33 -32.51
CA LYS B 35 3.74 -9.72 -32.24
C LYS B 35 4.98 -10.57 -31.91
N THR B 36 6.05 -10.42 -32.70
CA THR B 36 7.26 -11.22 -32.48
C THR B 36 7.87 -10.97 -31.09
N MET B 37 8.10 -9.72 -30.71
CA MET B 37 8.73 -9.44 -29.42
C MET B 37 7.85 -9.82 -28.22
N LEU B 38 6.54 -9.62 -28.36
CA LEU B 38 5.60 -10.16 -27.38
C LEU B 38 5.81 -11.65 -27.15
N GLU B 39 5.86 -12.41 -28.26
CA GLU B 39 5.97 -13.87 -28.19
C GLU B 39 7.35 -14.34 -27.75
N GLU B 40 8.40 -13.67 -28.22
CA GLU B 40 9.75 -14.02 -27.81
C GLU B 40 9.98 -13.76 -26.31
N LEU B 41 9.55 -12.60 -25.82
CA LEU B 41 9.69 -12.29 -24.38
C LEU B 41 8.94 -13.30 -23.51
N ALA B 42 7.75 -13.68 -23.94
CA ALA B 42 7.01 -14.78 -23.31
C ALA B 42 7.82 -16.08 -23.25
N LEU B 43 8.45 -16.44 -24.36
CA LEU B 43 9.27 -17.66 -24.40
C LEU B 43 10.49 -17.54 -23.48
N ALA B 44 11.20 -16.41 -23.59
CA ALA B 44 12.41 -16.20 -22.82
C ALA B 44 12.13 -16.34 -21.33
N LEU B 45 11.04 -15.72 -20.88
CA LEU B 45 10.67 -15.78 -19.47
C LEU B 45 10.19 -17.16 -19.06
N GLY B 46 9.56 -17.89 -19.99
CA GLY B 46 9.16 -19.28 -19.73
C GLY B 46 10.38 -20.19 -19.61
N GLU B 47 11.34 -19.99 -20.50
CA GLU B 47 12.65 -20.65 -20.41
C GLU B 47 13.30 -20.33 -19.05
N TYR B 48 13.25 -19.07 -18.63
CA TYR B 48 13.86 -18.67 -17.37
C TYR B 48 13.25 -19.49 -16.21
N GLU B 49 11.93 -19.53 -16.20
CA GLU B 49 11.15 -20.21 -15.17
C GLU B 49 11.60 -21.65 -14.93
N THR B 50 11.86 -22.39 -16.00
CA THR B 50 12.22 -23.80 -15.85
C THR B 50 13.73 -24.10 -15.78
N ASP B 51 14.58 -23.10 -16.02
CA ASP B 51 16.02 -23.31 -15.93
C ASP B 51 16.53 -23.19 -14.50
N THR B 52 16.87 -24.32 -13.88
CA THR B 52 17.27 -24.32 -12.48
C THR B 52 18.68 -23.72 -12.23
N ASP B 53 19.43 -23.46 -13.29
CA ASP B 53 20.73 -22.79 -13.14
C ASP B 53 20.56 -21.27 -12.93
N LEU B 54 19.37 -20.74 -13.18
CA LEU B 54 19.16 -19.30 -13.12
C LEU B 54 18.43 -18.92 -11.84
N ARG B 55 18.93 -17.88 -11.19
CA ARG B 55 18.43 -17.46 -9.89
C ARG B 55 17.76 -16.07 -9.89
N ALA B 56 17.97 -15.31 -10.96
CA ALA B 56 17.44 -13.95 -11.11
C ALA B 56 17.47 -13.57 -12.59
N ALA B 57 16.62 -12.63 -12.98
CA ALA B 57 16.61 -12.14 -14.34
C ALA B 57 16.46 -10.61 -14.35
N VAL B 58 17.17 -9.98 -15.30
CA VAL B 58 17.19 -8.53 -15.48
C VAL B 58 16.65 -8.23 -16.87
N LEU B 59 15.66 -7.34 -16.95
CA LEU B 59 15.05 -6.95 -18.20
C LEU B 59 15.23 -5.43 -18.38
N TYR B 60 15.77 -5.05 -19.53
CA TYR B 60 16.06 -3.64 -19.88
C TYR B 60 15.76 -3.51 -21.37
N GLY B 61 15.92 -2.30 -21.90
CA GLY B 61 15.75 -2.07 -23.34
C GLY B 61 17.02 -1.52 -23.97
N GLU B 62 17.37 -1.99 -25.17
CA GLU B 62 18.49 -1.42 -25.96
C GLU B 62 18.07 -0.10 -26.60
N GLY B 63 19.03 0.77 -26.87
CA GLY B 63 18.77 2.03 -27.55
C GLY B 63 18.26 3.16 -26.66
N PRO B 64 17.61 4.16 -27.28
CA PRO B 64 17.30 5.40 -26.56
C PRO B 64 16.32 5.30 -25.37
N LEU B 65 15.39 4.34 -25.40
CA LEU B 65 14.41 4.23 -24.32
C LEU B 65 13.92 2.81 -24.10
N PHE B 66 13.26 2.59 -22.97
CA PHE B 66 12.88 1.26 -22.55
C PHE B 66 11.85 0.65 -23.51
N THR B 67 10.70 1.32 -23.68
CA THR B 67 9.71 0.91 -24.66
C THR B 67 8.70 2.00 -24.96
N ALA B 68 8.34 2.12 -26.22
CA ALA B 68 7.29 3.05 -26.64
C ALA B 68 5.89 2.43 -26.50
N GLY B 69 5.79 1.20 -25.99
CA GLY B 69 4.49 0.56 -25.77
C GLY B 69 4.12 -0.42 -26.86
N LEU B 70 2.82 -0.51 -27.17
CA LEU B 70 2.30 -1.53 -28.07
C LEU B 70 2.29 -1.08 -29.53
N ASP B 71 2.78 -1.96 -30.41
CA ASP B 71 2.65 -1.79 -31.86
C ASP B 71 1.30 -2.42 -32.28
N LEU B 72 0.24 -1.61 -32.24
CA LEU B 72 -1.16 -2.09 -32.32
C LEU B 72 -1.49 -2.90 -33.57
N ALA B 73 -1.10 -2.35 -34.73
CA ALA B 73 -1.25 -3.01 -36.01
C ALA B 73 -0.69 -4.42 -35.94
N SER B 74 0.51 -4.58 -35.38
CA SER B 74 1.16 -5.89 -35.31
C SER B 74 0.23 -6.99 -34.75
N VAL B 75 -0.61 -6.64 -33.77
CA VAL B 75 -1.41 -7.63 -33.01
C VAL B 75 -2.93 -7.34 -33.07
N ALA B 76 -3.36 -6.76 -34.19
CA ALA B 76 -4.70 -6.16 -34.38
C ALA B 76 -6.01 -6.88 -33.93
N ALA B 77 -6.52 -7.91 -34.62
CA ALA B 77 -5.83 -9.09 -35.09
C ALA B 77 -6.01 -10.05 -33.89
N GLU B 78 -5.01 -10.16 -33.03
CA GLU B 78 -5.11 -11.00 -31.84
C GLU B 78 -5.99 -10.40 -30.73
N ILE B 79 -5.77 -9.12 -30.39
CA ILE B 79 -6.45 -8.50 -29.25
C ILE B 79 -7.95 -8.31 -29.53
N GLN B 80 -8.28 -8.05 -30.79
CA GLN B 80 -9.67 -7.99 -31.24
C GLN B 80 -10.41 -9.32 -31.10
N GLY B 81 -9.70 -10.43 -31.36
CA GLY B 81 -10.28 -11.77 -31.27
C GLY B 81 -10.11 -12.43 -29.91
N GLY B 82 -9.37 -11.76 -29.02
CA GLY B 82 -9.07 -12.33 -27.69
C GLY B 82 -8.03 -13.46 -27.73
N ALA B 83 -7.26 -13.56 -28.81
CA ALA B 83 -6.27 -14.62 -28.94
C ALA B 83 -5.07 -14.38 -28.01
N SER B 84 -4.39 -15.46 -27.65
CA SER B 84 -3.25 -15.37 -26.74
C SER B 84 -1.97 -15.13 -27.53
N LEU B 85 -1.11 -14.28 -26.98
CA LEU B 85 0.22 -14.09 -27.52
C LEU B 85 1.26 -14.78 -26.63
N THR B 86 0.80 -15.77 -25.87
CA THR B 86 1.68 -16.65 -25.10
C THR B 86 1.83 -17.98 -25.84
N PRO B 87 3.01 -18.22 -26.46
CA PRO B 87 3.19 -19.56 -27.02
C PRO B 87 3.42 -20.59 -25.92
N GLU B 88 3.30 -21.88 -26.28
CA GLU B 88 3.80 -22.97 -25.44
C GLU B 88 5.32 -22.85 -25.47
N GLY B 89 6.08 -23.08 -24.39
CA GLY B 89 5.69 -22.93 -23.02
C GLY B 89 6.28 -21.57 -22.61
N GLY B 90 5.58 -20.52 -23.02
CA GLY B 90 5.88 -19.18 -22.54
C GLY B 90 5.09 -18.85 -21.30
N ILE B 91 5.34 -17.66 -20.75
CA ILE B 91 4.49 -17.07 -19.73
C ILE B 91 4.25 -15.62 -20.10
N ASN B 92 3.00 -15.16 -19.99
CA ASN B 92 2.69 -13.76 -20.25
C ASN B 92 3.64 -12.88 -19.40
N PRO B 93 4.48 -12.06 -20.07
CA PRO B 93 5.43 -11.25 -19.30
C PRO B 93 4.76 -10.31 -18.30
N TRP B 94 3.54 -9.86 -18.60
CA TRP B 94 2.75 -9.05 -17.67
C TRP B 94 2.05 -9.86 -16.57
N GLN B 95 2.06 -11.18 -16.73
CA GLN B 95 1.65 -12.09 -15.65
C GLN B 95 0.26 -11.77 -15.06
N VAL B 96 -0.69 -11.54 -15.96
CA VAL B 96 -2.08 -11.24 -15.62
C VAL B 96 -3.07 -12.29 -16.14
N ASP B 97 -2.60 -13.49 -16.50
CA ASP B 97 -3.49 -14.55 -16.97
C ASP B 97 -3.60 -15.66 -15.96
N GLY B 98 -3.17 -15.45 -14.73
CA GLY B 98 -3.31 -16.46 -13.68
C GLY B 98 -2.00 -17.16 -13.33
N ARG B 99 -0.92 -16.76 -13.99
CA ARG B 99 0.38 -17.37 -13.76
C ARG B 99 1.46 -16.31 -13.57
N GLN B 100 2.28 -16.49 -12.54
CA GLN B 100 3.39 -15.60 -12.29
C GLN B 100 4.73 -16.35 -12.16
N LEU B 101 5.81 -15.61 -12.38
CA LEU B 101 7.18 -16.14 -12.22
C LEU B 101 7.49 -16.60 -10.80
N SER B 102 8.18 -17.73 -10.71
CA SER B 102 8.56 -18.35 -9.43
C SER B 102 9.86 -17.80 -8.92
N LYS B 103 10.56 -17.07 -9.77
CA LYS B 103 11.88 -16.53 -9.45
C LYS B 103 11.92 -15.05 -9.81
N PRO B 104 12.92 -14.34 -9.26
CA PRO B 104 12.92 -12.88 -9.32
C PRO B 104 13.09 -12.30 -10.71
N LEU B 105 12.39 -11.21 -10.99
CA LEU B 105 12.57 -10.39 -12.17
C LEU B 105 12.86 -8.94 -11.77
N LEU B 106 13.94 -8.39 -12.30
CA LEU B 106 14.25 -7.00 -12.08
C LEU B 106 14.09 -6.28 -13.41
N VAL B 107 13.61 -5.05 -13.36
CA VAL B 107 13.47 -4.25 -14.59
C VAL B 107 14.24 -2.95 -14.45
N ALA B 108 15.10 -2.68 -15.45
CA ALA B 108 15.92 -1.49 -15.49
C ALA B 108 15.40 -0.58 -16.61
N VAL B 109 15.01 0.65 -16.27
CA VAL B 109 14.38 1.55 -17.21
C VAL B 109 15.17 2.86 -17.40
N HIS B 110 15.01 3.45 -18.57
CA HIS B 110 15.61 4.73 -18.93
C HIS B 110 14.77 5.33 -20.06
N GLY B 111 14.85 6.64 -20.23
CA GLY B 111 14.06 7.34 -21.25
C GLY B 111 12.57 7.18 -21.03
N LYS B 112 11.79 7.23 -22.09
CA LYS B 112 10.33 7.03 -21.99
C LYS B 112 9.92 5.60 -21.67
N VAL B 113 9.06 5.50 -20.68
CA VAL B 113 8.45 4.27 -20.30
C VAL B 113 6.95 4.50 -20.50
N LEU B 114 6.41 4.06 -21.65
CA LEU B 114 5.01 4.30 -21.94
C LEU B 114 4.17 3.06 -21.76
N THR B 115 2.92 3.27 -21.34
CA THR B 115 1.87 2.28 -21.36
C THR B 115 2.32 0.92 -20.81
N LEU B 116 2.52 -0.06 -21.69
CA LEU B 116 2.89 -1.42 -21.30
C LEU B 116 4.22 -1.48 -20.56
N GLY B 117 5.09 -0.51 -20.81
CA GLY B 117 6.37 -0.44 -20.09
C GLY B 117 6.22 -0.23 -18.59
N ILE B 118 5.32 0.65 -18.22
CA ILE B 118 4.97 0.91 -16.81
C ILE B 118 4.49 -0.40 -16.20
N GLU B 119 3.68 -1.12 -16.97
CA GLU B 119 3.07 -2.35 -16.52
C GLU B 119 4.06 -3.51 -16.41
N LEU B 120 5.10 -3.49 -17.26
CA LEU B 120 6.22 -4.45 -17.13
C LEU B 120 6.96 -4.23 -15.83
N ALA B 121 7.27 -2.99 -15.53
CA ALA B 121 7.93 -2.64 -14.29
C ALA B 121 7.07 -3.02 -13.08
N LEU B 122 5.77 -2.77 -13.14
CA LEU B 122 4.88 -3.19 -12.06
C LEU B 122 4.77 -4.70 -11.90
N ALA B 123 4.99 -5.47 -12.96
CA ALA B 123 4.92 -6.93 -12.89
C ALA B 123 6.18 -7.56 -12.24
N ALA B 124 7.30 -6.82 -12.27
CA ALA B 124 8.57 -7.29 -11.76
C ALA B 124 8.65 -7.13 -10.25
N ASP B 125 9.78 -7.55 -9.70
CA ASP B 125 10.00 -7.50 -8.26
C ASP B 125 10.80 -6.30 -7.82
N ILE B 126 11.68 -5.81 -8.69
CA ILE B 126 12.54 -4.66 -8.34
C ILE B 126 12.76 -3.84 -9.59
N VAL B 127 12.62 -2.52 -9.46
CA VAL B 127 12.71 -1.63 -10.61
C VAL B 127 13.77 -0.59 -10.33
N ILE B 128 14.71 -0.47 -11.27
CA ILE B 128 15.76 0.51 -11.20
C ILE B 128 15.63 1.44 -12.39
N ALA B 129 15.67 2.75 -12.11
CA ALA B 129 15.63 3.77 -13.15
C ALA B 129 16.93 4.59 -13.22
N ASP B 130 17.38 4.96 -14.42
CA ASP B 130 18.38 6.00 -14.51
C ASP B 130 17.66 7.35 -14.43
N GLU B 131 18.43 8.42 -14.20
CA GLU B 131 17.85 9.75 -13.97
C GLU B 131 17.01 10.31 -15.13
N THR B 132 17.13 9.75 -16.32
CA THR B 132 16.36 10.25 -17.48
C THR B 132 14.98 9.64 -17.57
N ALA B 133 14.66 8.60 -16.79
CA ALA B 133 13.40 7.88 -16.99
C ALA B 133 12.20 8.81 -16.85
N THR B 134 11.30 8.81 -17.84
CA THR B 134 9.95 9.36 -17.66
C THR B 134 8.88 8.32 -17.95
N PHE B 135 7.67 8.55 -17.46
CA PHE B 135 6.57 7.59 -17.51
C PHE B 135 5.25 8.23 -17.95
N ALA B 136 4.48 7.53 -18.78
CA ALA B 136 3.15 8.00 -19.15
C ALA B 136 2.18 6.86 -19.49
N GLN B 137 1.07 6.84 -18.74
CA GLN B 137 0.02 5.87 -18.92
C GLN B 137 -0.98 6.46 -19.94
N LEU B 138 -0.62 6.35 -21.22
CA LEU B 138 -1.30 7.04 -22.30
C LEU B 138 -2.62 6.44 -22.79
N GLU B 139 -2.99 5.26 -22.27
CA GLU B 139 -4.11 4.49 -22.85
C GLU B 139 -5.40 5.28 -22.92
N VAL B 140 -5.81 5.94 -21.84
CA VAL B 140 -7.07 6.70 -21.88
C VAL B 140 -7.01 7.88 -22.85
N ASN B 141 -5.81 8.37 -23.15
CA ASN B 141 -5.63 9.38 -24.20
C ASN B 141 -5.88 8.83 -25.60
N ARG B 142 -5.90 7.50 -25.75
CA ARG B 142 -6.00 6.87 -27.05
C ARG B 142 -7.33 6.12 -27.21
N GLY B 143 -8.26 6.36 -26.29
CA GLY B 143 -9.59 5.78 -26.37
C GLY B 143 -9.75 4.43 -25.69
N ILE B 144 -8.69 3.90 -25.08
CA ILE B 144 -8.78 2.65 -24.36
C ILE B 144 -8.40 2.88 -22.89
N TYR B 145 -7.80 1.88 -22.24
CA TYR B 145 -7.39 2.02 -20.84
C TYR B 145 -6.23 1.04 -20.59
N PRO B 146 -5.55 1.15 -19.44
CA PRO B 146 -4.47 0.21 -19.13
C PRO B 146 -4.97 -1.22 -18.90
N PHE B 147 -4.53 -2.13 -19.75
CA PHE B 147 -5.00 -3.51 -19.62
C PHE B 147 -3.91 -4.54 -19.37
N GLY B 148 -2.77 -4.08 -18.87
CA GLY B 148 -1.62 -4.95 -18.56
C GLY B 148 -1.33 -5.09 -17.07
N GLY B 149 -2.32 -4.74 -16.24
CA GLY B 149 -2.20 -4.84 -14.79
C GLY B 149 -2.05 -3.56 -13.99
N ALA B 150 -1.84 -2.41 -14.65
CA ALA B 150 -1.71 -1.14 -13.92
C ALA B 150 -2.92 -0.90 -13.02
N THR B 151 -4.11 -1.28 -13.48
CA THR B 151 -5.33 -1.02 -12.71
C THR B 151 -5.31 -1.74 -11.37
N ILE B 152 -4.58 -2.84 -11.30
CA ILE B 152 -4.48 -3.67 -10.10
C ILE B 152 -3.26 -3.24 -9.27
N ARG B 153 -2.11 -3.16 -9.93
CA ARG B 153 -0.84 -3.01 -9.24
C ARG B 153 -0.43 -1.59 -8.93
N PHE B 154 -0.83 -0.62 -9.75
CA PHE B 154 -0.40 0.75 -9.55
C PHE B 154 -1.05 1.31 -8.25
N PRO B 155 -2.37 1.14 -8.08
CA PRO B 155 -2.98 1.56 -6.82
C PRO B 155 -2.42 0.84 -5.58
N ARG B 156 -2.09 -0.44 -5.71
CA ARG B 156 -1.51 -1.21 -4.60
C ARG B 156 -0.13 -0.69 -4.22
N THR B 157 0.73 -0.43 -5.19
CA THR B 157 2.05 0.11 -4.90
C THR B 157 2.05 1.59 -4.49
N ALA B 158 1.35 2.44 -5.23
CA ALA B 158 1.46 3.90 -5.05
C ALA B 158 0.42 4.50 -4.11
N GLY B 159 -0.61 3.69 -3.80
CA GLY B 159 -1.82 4.19 -3.22
C GLY B 159 -2.79 4.61 -4.33
N TRP B 160 -4.07 4.55 -4.02
CA TRP B 160 -5.12 4.84 -4.98
C TRP B 160 -4.94 6.24 -5.61
N GLY B 161 -4.89 7.28 -4.79
CA GLY B 161 -4.74 8.66 -5.30
C GLY B 161 -3.53 8.91 -6.17
N ASN B 162 -2.36 8.43 -5.75
CA ASN B 162 -1.15 8.63 -6.54
C ASN B 162 -1.24 7.91 -7.88
N ALA B 163 -1.81 6.71 -7.87
CA ALA B 163 -2.04 5.95 -9.10
C ALA B 163 -3.04 6.63 -10.05
N MET B 164 -4.16 7.07 -9.52
CA MET B 164 -5.20 7.69 -10.35
C MET B 164 -4.79 9.05 -10.94
N ARG B 165 -3.99 9.80 -10.21
CA ARG B 165 -3.42 11.06 -10.69
C ARG B 165 -2.75 10.87 -12.05
N TRP B 166 -2.06 9.73 -12.21
CA TRP B 166 -1.38 9.42 -13.46
C TRP B 166 -2.21 8.55 -14.42
N MET B 167 -2.93 7.55 -13.92
CA MET B 167 -3.73 6.71 -14.83
C MET B 167 -4.94 7.43 -15.46
N LEU B 168 -5.53 8.40 -14.76
CA LEU B 168 -6.76 9.04 -15.27
C LEU B 168 -6.49 10.21 -16.21
N THR B 169 -5.31 10.78 -16.12
CA THR B 169 -4.94 11.98 -16.85
C THR B 169 -4.07 11.72 -18.09
N ALA B 170 -3.39 10.58 -18.12
CA ALA B 170 -2.34 10.30 -19.10
C ALA B 170 -1.13 11.26 -19.01
N ASP B 171 -0.98 12.02 -17.92
CA ASP B 171 0.11 13.00 -17.81
C ASP B 171 1.42 12.27 -17.62
N THR B 172 2.49 12.86 -18.12
CA THR B 172 3.83 12.34 -17.94
C THR B 172 4.35 12.63 -16.55
N PHE B 173 4.99 11.63 -15.91
CA PHE B 173 5.71 11.86 -14.65
C PHE B 173 7.14 11.33 -14.72
N ASP B 174 8.02 11.90 -13.90
CA ASP B 174 9.45 11.62 -14.02
C ASP B 174 9.95 10.61 -13.00
N ALA B 175 11.23 10.28 -13.09
CA ALA B 175 11.84 9.27 -12.20
C ALA B 175 11.65 9.64 -10.73
N VAL B 176 11.82 10.91 -10.37
CA VAL B 176 11.69 11.32 -8.96
C VAL B 176 10.28 10.96 -8.45
N GLU B 177 9.26 11.30 -9.23
CA GLU B 177 7.90 11.00 -8.84
C GLU B 177 7.66 9.48 -8.81
N ALA B 178 8.17 8.74 -9.79
CA ALA B 178 8.00 7.27 -9.82
C ALA B 178 8.60 6.58 -8.59
N HIS B 179 9.70 7.15 -8.10
CA HIS B 179 10.41 6.69 -6.93
C HIS B 179 9.69 7.09 -5.64
N ARG B 180 9.14 8.31 -5.63
CA ARG B 180 8.38 8.81 -4.48
C ARG B 180 7.21 7.88 -4.19
N ILE B 181 6.50 7.48 -5.24
CA ILE B 181 5.27 6.72 -5.06
C ILE B 181 5.46 5.21 -5.10
N GLY B 182 6.72 4.74 -5.16
CA GLY B 182 7.02 3.33 -4.91
C GLY B 182 7.18 2.40 -6.10
N ILE B 183 6.97 2.90 -7.32
CA ILE B 183 7.15 2.09 -8.53
C ILE B 183 8.64 1.82 -8.80
N VAL B 184 9.48 2.81 -8.56
CA VAL B 184 10.92 2.71 -8.80
C VAL B 184 11.65 2.63 -7.46
N GLN B 185 12.51 1.63 -7.30
CA GLN B 185 13.19 1.41 -6.01
C GLN B 185 14.42 2.27 -5.86
N GLU B 186 15.05 2.61 -6.98
CA GLU B 186 16.28 3.37 -6.93
C GLU B 186 16.49 4.08 -8.25
N ILE B 187 16.96 5.32 -8.15
CA ILE B 187 17.35 6.12 -9.28
C ILE B 187 18.87 6.27 -9.28
N VAL B 188 19.48 5.98 -10.43
CA VAL B 188 20.93 6.03 -10.59
C VAL B 188 21.31 6.95 -11.76
N PRO B 189 22.61 7.30 -11.86
CA PRO B 189 23.05 8.19 -12.94
C PRO B 189 22.83 7.62 -14.33
N VAL B 190 22.78 8.53 -15.31
CA VAL B 190 22.49 8.19 -16.70
C VAL B 190 23.27 6.96 -17.16
N GLY B 191 22.57 5.97 -17.71
CA GLY B 191 23.21 4.76 -18.27
C GLY B 191 23.59 3.66 -17.28
N GLU B 192 23.40 3.85 -15.97
CA GLU B 192 23.82 2.87 -14.95
C GLU B 192 22.74 1.92 -14.48
N HIS B 193 21.55 2.06 -15.03
CA HIS B 193 20.38 1.29 -14.59
C HIS B 193 20.56 -0.21 -14.78
N VAL B 194 21.10 -0.63 -15.92
CA VAL B 194 21.30 -2.07 -16.19
C VAL B 194 22.37 -2.66 -15.25
N ASP B 195 23.52 -2.02 -15.14
CA ASP B 195 24.56 -2.51 -14.20
C ASP B 195 24.11 -2.50 -12.73
N THR B 196 23.30 -1.52 -12.32
CA THR B 196 22.81 -1.50 -10.94
C THR B 196 21.87 -2.66 -10.74
N ALA B 197 21.00 -2.91 -11.72
CA ALA B 197 20.04 -4.02 -11.62
C ALA B 197 20.76 -5.40 -11.59
N ILE B 198 21.82 -5.57 -12.38
CA ILE B 198 22.59 -6.84 -12.38
C ILE B 198 23.32 -7.00 -11.04
N ALA B 199 23.88 -5.93 -10.48
CA ALA B 199 24.55 -6.07 -9.19
C ALA B 199 23.55 -6.60 -8.14
N ILE B 200 22.33 -6.06 -8.16
CA ILE B 200 21.31 -6.49 -7.20
C ILE B 200 20.87 -7.93 -7.46
N ALA B 201 20.72 -8.26 -8.73
CA ALA B 201 20.43 -9.62 -9.16
C ALA B 201 21.50 -10.61 -8.66
N GLN B 202 22.77 -10.20 -8.72
CA GLN B 202 23.85 -11.05 -8.22
C GLN B 202 23.76 -11.22 -6.70
N THR B 203 23.34 -10.18 -5.98
CA THR B 203 23.17 -10.31 -4.53
C THR B 203 22.10 -11.32 -4.24
N ILE B 204 21.01 -11.24 -5.00
CA ILE B 204 19.91 -12.22 -4.89
C ILE B 204 20.43 -13.62 -5.14
N ALA B 205 21.27 -13.75 -6.17
CA ALA B 205 21.84 -15.03 -6.55
C ALA B 205 22.84 -15.64 -5.54
N ARG B 206 23.38 -14.83 -4.62
CA ARG B 206 24.21 -15.34 -3.54
C ARG B 206 23.36 -15.87 -2.37
N GLN B 207 22.04 -15.60 -2.38
CA GLN B 207 21.17 -16.08 -1.32
C GLN B 207 20.60 -17.46 -1.67
N ALA B 208 19.96 -18.09 -0.69
CA ALA B 208 19.47 -19.46 -0.87
C ALA B 208 18.25 -19.46 -1.79
N PRO B 209 18.36 -20.05 -3.01
CA PRO B 209 17.29 -20.00 -3.99
C PRO B 209 15.90 -20.48 -3.49
N LEU B 210 15.84 -21.55 -2.71
CA LEU B 210 14.52 -22.05 -2.25
C LEU B 210 13.90 -21.07 -1.25
N GLY B 211 14.73 -20.34 -0.53
CA GLY B 211 14.26 -19.28 0.39
C GLY B 211 13.76 -18.09 -0.39
N VAL B 212 14.48 -17.72 -1.46
CA VAL B 212 14.06 -16.64 -2.36
C VAL B 212 12.70 -17.04 -2.96
N GLN B 213 12.60 -18.28 -3.41
CA GLN B 213 11.37 -18.78 -4.04
C GLN B 213 10.22 -18.81 -3.07
N ALA B 214 10.49 -19.26 -1.85
CA ALA B 214 9.48 -19.28 -0.79
C ALA B 214 8.98 -17.86 -0.45
N THR B 215 9.88 -16.90 -0.41
CA THR B 215 9.53 -15.48 -0.19
C THR B 215 8.52 -14.96 -1.25
N LEU B 216 8.80 -15.23 -2.51
CA LEU B 216 7.94 -14.83 -3.60
C LEU B 216 6.62 -15.59 -3.52
N ARG B 217 6.67 -16.90 -3.27
CA ARG B 217 5.48 -17.75 -3.24
C ARG B 217 4.50 -17.34 -2.13
N ASN B 218 5.00 -17.17 -0.92
CA ASN B 218 4.11 -16.83 0.17
C ASN B 218 3.54 -15.42 0.01
N ALA B 219 4.39 -14.48 -0.44
CA ALA B 219 3.96 -13.11 -0.72
C ALA B 219 2.82 -13.09 -1.75
N ARG B 220 2.97 -13.87 -2.84
CA ARG B 220 1.91 -13.94 -3.85
C ARG B 220 0.62 -14.57 -3.34
N LEU B 221 0.75 -15.63 -2.53
CA LEU B 221 -0.40 -16.32 -1.94
C LEU B 221 -1.21 -15.35 -1.08
N ALA B 222 -0.51 -14.50 -0.31
CA ALA B 222 -1.17 -13.48 0.51
C ALA B 222 -2.04 -12.54 -0.31
N VAL B 223 -1.50 -12.10 -1.44
CA VAL B 223 -2.24 -11.22 -2.34
C VAL B 223 -3.42 -11.96 -2.97
N ARG B 224 -3.20 -13.19 -3.44
CA ARG B 224 -4.23 -13.91 -4.20
C ARG B 224 -5.32 -14.55 -3.34
N GLU B 225 -4.93 -15.13 -2.21
CA GLU B 225 -5.88 -15.85 -1.35
C GLU B 225 -6.15 -15.19 -0.01
N GLY B 226 -5.28 -14.27 0.43
CA GLY B 226 -5.50 -13.56 1.68
C GLY B 226 -4.51 -13.89 2.80
N ASP B 227 -4.64 -13.15 3.91
CA ASP B 227 -3.72 -13.27 5.03
C ASP B 227 -3.72 -14.66 5.64
N ALA B 228 -4.90 -15.20 5.93
CA ALA B 228 -4.98 -16.52 6.56
C ALA B 228 -4.28 -17.59 5.71
N ALA B 229 -4.45 -17.54 4.39
CA ALA B 229 -3.89 -18.53 3.47
C ALA B 229 -2.36 -18.53 3.50
N ALA B 230 -1.78 -17.33 3.48
CA ALA B 230 -0.34 -17.17 3.60
C ALA B 230 0.15 -17.58 5.00
N GLU B 231 -0.55 -17.14 6.03
CA GLU B 231 -0.21 -17.48 7.41
C GLU B 231 -0.10 -18.97 7.63
N GLU B 232 -1.08 -19.70 7.13
CA GLU B 232 -1.16 -21.15 7.29
C GLU B 232 0.06 -21.85 6.70
N GLN B 233 0.66 -21.27 5.66
CA GLN B 233 1.85 -21.85 5.06
C GLN B 233 3.18 -21.46 5.73
N LEU B 234 3.19 -20.47 6.64
CA LEU B 234 4.47 -19.90 7.12
C LEU B 234 5.39 -20.93 7.77
N VAL B 235 4.89 -21.60 8.81
CA VAL B 235 5.71 -22.60 9.53
C VAL B 235 5.90 -23.90 8.71
N PRO B 236 4.85 -24.41 8.03
CA PRO B 236 5.14 -25.58 7.18
C PRO B 236 6.22 -25.35 6.12
N THR B 237 6.24 -24.16 5.53
CA THR B 237 7.27 -23.80 4.56
C THR B 237 8.66 -23.70 5.22
N VAL B 238 8.75 -23.09 6.40
CA VAL B 238 10.08 -23.04 7.03
C VAL B 238 10.55 -24.41 7.46
N ARG B 239 9.63 -25.26 7.86
CA ARG B 239 9.97 -26.65 8.24
C ARG B 239 10.60 -27.39 7.07
N GLU B 240 9.96 -27.30 5.90
CA GLU B 240 10.47 -27.90 4.66
C GLU B 240 11.82 -27.35 4.27
N LEU B 241 12.04 -26.04 4.44
CA LEU B 241 13.34 -25.44 4.13
C LEU B 241 14.44 -25.91 5.10
N PHE B 242 14.12 -26.03 6.40
CA PHE B 242 15.08 -26.56 7.40
C PHE B 242 15.59 -27.93 7.03
N THR B 243 14.86 -28.55 6.11
CA THR B 243 15.11 -29.88 5.59
C THR B 243 16.12 -29.88 4.44
N SER B 244 16.33 -28.71 3.85
CA SER B 244 17.15 -28.58 2.65
C SER B 244 18.65 -28.54 3.01
N GLU B 245 19.48 -28.94 2.05
CA GLU B 245 20.93 -28.80 2.19
C GLU B 245 21.34 -27.37 2.52
N ASP B 246 20.70 -26.43 1.85
CA ASP B 246 21.04 -25.02 1.98
C ASP B 246 20.79 -24.47 3.40
N ALA B 247 19.77 -24.96 4.11
CA ALA B 247 19.55 -24.50 5.50
C ALA B 247 20.72 -24.90 6.42
N THR B 248 21.20 -26.14 6.29
CA THR B 248 22.37 -26.56 7.09
C THR B 248 23.61 -25.76 6.67
N LEU B 249 23.80 -25.57 5.36
CA LEU B 249 24.90 -24.70 4.90
C LEU B 249 24.79 -23.26 5.47
N GLY B 250 23.59 -22.69 5.39
CA GLY B 250 23.38 -21.31 5.85
C GLY B 250 23.52 -21.13 7.36
N VAL B 251 23.02 -22.08 8.13
CA VAL B 251 23.10 -21.97 9.59
C VAL B 251 24.55 -22.22 10.05
N GLN B 252 25.24 -23.20 9.45
CA GLN B 252 26.66 -23.46 9.80
C GLN B 252 27.54 -22.25 9.47
N ALA B 253 27.28 -21.60 8.33
CA ALA B 253 28.04 -20.43 7.91
C ALA B 253 27.88 -19.29 8.92
N PHE B 254 26.64 -19.08 9.34
CA PHE B 254 26.32 -18.10 10.36
C PHE B 254 27.08 -18.38 11.67
N LEU B 255 26.93 -19.61 12.18
CA LEU B 255 27.58 -20.00 13.46
C LEU B 255 29.10 -19.92 13.37
N SER B 256 29.63 -20.28 12.20
CA SER B 256 31.07 -20.25 11.93
C SER B 256 31.59 -18.87 11.49
N ARG B 257 30.71 -17.87 11.37
CA ARG B 257 31.07 -16.53 10.86
C ARG B 257 31.83 -16.66 9.52
N THR B 258 31.28 -17.48 8.63
CA THR B 258 31.85 -17.70 7.31
C THR B 258 30.77 -17.45 6.27
N THR B 259 31.14 -17.55 4.99
CA THR B 259 30.23 -17.19 3.91
C THR B 259 29.66 -18.46 3.27
N ALA B 260 28.35 -18.52 3.09
CA ALA B 260 27.71 -19.74 2.57
C ALA B 260 27.68 -19.74 1.03
N GLU B 261 27.95 -20.92 0.44
CA GLU B 261 27.82 -21.16 -1.01
C GLU B 261 26.62 -22.08 -1.22
N PHE B 262 25.46 -21.51 -1.56
CA PHE B 262 24.22 -22.30 -1.66
C PHE B 262 24.13 -23.07 -2.96
N VAL B 263 23.49 -24.24 -2.91
CA VAL B 263 23.32 -25.11 -4.08
C VAL B 263 21.89 -25.19 -4.63
N GLY B 264 20.90 -24.66 -3.90
CA GLY B 264 19.52 -24.67 -4.37
C GLY B 264 18.78 -25.99 -4.14
N ARG B 265 19.13 -26.68 -3.06
CA ARG B 265 18.39 -27.83 -2.61
C ARG B 265 18.66 -28.03 -1.12
N ASP C 7 9.98 -11.34 37.88
CA ASP C 7 9.06 -12.22 37.08
C ASP C 7 9.77 -12.87 35.88
N TYR C 8 9.82 -12.19 34.74
CA TYR C 8 10.38 -12.78 33.53
C TYR C 8 11.92 -12.80 33.53
N GLU C 9 12.49 -13.85 32.95
CA GLU C 9 13.93 -13.98 32.85
C GLU C 9 14.55 -13.09 31.75
N THR C 10 13.90 -13.02 30.58
CA THR C 10 14.48 -12.35 29.41
C THR C 10 13.80 -11.01 29.02
N LEU C 11 12.88 -10.54 29.86
CA LEU C 11 12.15 -9.29 29.61
C LEU C 11 12.23 -8.37 30.80
N ARG C 12 12.39 -7.08 30.55
CA ARG C 12 12.28 -6.10 31.58
C ARG C 12 10.98 -5.33 31.41
N ILE C 13 10.14 -5.35 32.43
CA ILE C 13 8.79 -4.86 32.33
C ILE C 13 8.48 -3.78 33.35
N ARG C 14 7.93 -2.67 32.86
CA ARG C 14 7.55 -1.56 33.71
C ARG C 14 6.18 -1.04 33.30
N ARG C 15 5.49 -0.41 34.25
CA ARG C 15 4.20 0.21 34.02
C ARG C 15 4.33 1.72 34.26
N ASP C 16 3.95 2.51 33.26
CA ASP C 16 3.89 3.97 33.39
C ASP C 16 2.43 4.36 33.23
N GLY C 17 1.68 4.23 34.32
CA GLY C 17 0.25 4.50 34.34
C GLY C 17 -0.52 3.50 33.48
N TYR C 18 -1.16 3.99 32.42
CA TYR C 18 -1.91 3.14 31.49
C TYR C 18 -1.03 2.43 30.42
N VAL C 19 0.26 2.73 30.39
CA VAL C 19 1.16 2.20 29.35
C VAL C 19 2.10 1.12 29.91
N LEU C 20 2.07 -0.05 29.28
CA LEU C 20 3.00 -1.10 29.57
C LEU C 20 4.25 -0.89 28.74
N VAL C 21 5.41 -1.05 29.37
CA VAL C 21 6.70 -0.89 28.72
C VAL C 21 7.53 -2.17 28.87
N ILE C 22 7.86 -2.79 27.74
CA ILE C 22 8.52 -4.10 27.69
C ILE C 22 9.84 -3.99 26.95
N GLY C 23 10.93 -4.30 27.65
CA GLY C 23 12.28 -4.30 27.04
C GLY C 23 12.78 -5.73 26.87
N LEU C 24 13.15 -6.08 25.63
CA LEU C 24 13.88 -7.30 25.36
C LEU C 24 15.19 -7.22 26.10
N ASN C 25 15.59 -8.33 26.74
CA ASN C 25 16.76 -8.29 27.60
C ASN C 25 17.47 -9.65 27.73
N ARG C 26 18.20 -10.01 26.67
CA ARG C 26 19.13 -11.13 26.66
C ARG C 26 20.47 -10.54 26.24
N PRO C 27 21.19 -9.88 27.18
CA PRO C 27 22.38 -9.11 26.84
C PRO C 27 23.53 -9.94 26.27
N ALA C 28 23.67 -11.18 26.68
CA ALA C 28 24.80 -11.99 26.21
C ALA C 28 24.56 -12.48 24.77
N LYS C 29 23.30 -12.50 24.34
CA LYS C 29 22.95 -12.98 23.00
C LYS C 29 22.31 -11.89 22.10
N ARG C 30 22.58 -10.61 22.37
CA ARG C 30 22.14 -9.53 21.48
C ARG C 30 20.62 -9.50 21.32
N ASN C 31 19.90 -9.78 22.39
CA ASN C 31 18.46 -9.86 22.41
C ASN C 31 17.88 -10.77 21.34
N ALA C 32 18.62 -11.81 20.94
CA ALA C 32 18.11 -12.77 19.98
C ALA C 32 17.03 -13.62 20.67
N PHE C 33 16.02 -14.01 19.91
CA PHE C 33 14.89 -14.76 20.47
C PHE C 33 15.22 -16.26 20.50
N ASP C 34 15.32 -16.82 21.72
CA ASP C 34 15.32 -18.26 21.91
C ASP C 34 13.94 -18.66 22.40
N LYS C 35 13.74 -19.95 22.69
CA LYS C 35 12.47 -20.44 23.18
C LYS C 35 11.98 -19.64 24.40
N THR C 36 12.87 -19.35 25.33
CA THR C 36 12.47 -18.66 26.55
C THR C 36 11.88 -17.29 26.26
N MET C 37 12.58 -16.45 25.49
CA MET C 37 12.10 -15.09 25.24
C MET C 37 10.86 -15.07 24.34
N LEU C 38 10.78 -16.00 23.40
CA LEU C 38 9.57 -16.18 22.61
C LEU C 38 8.35 -16.43 23.50
N GLU C 39 8.44 -17.39 24.40
CA GLU C 39 7.33 -17.76 25.27
C GLU C 39 7.01 -16.64 26.25
N GLU C 40 8.04 -16.02 26.81
CA GLU C 40 7.82 -14.93 27.77
C GLU C 40 7.17 -13.72 27.10
N LEU C 41 7.64 -13.35 25.92
CA LEU C 41 7.00 -12.25 25.19
C LEU C 41 5.55 -12.62 24.89
N ALA C 42 5.30 -13.87 24.51
CA ALA C 42 3.94 -14.35 24.21
C ALA C 42 3.05 -14.19 25.41
N LEU C 43 3.54 -14.60 26.59
CA LEU C 43 2.78 -14.48 27.85
C LEU C 43 2.58 -13.03 28.25
N ALA C 44 3.63 -12.22 28.18
CA ALA C 44 3.51 -10.84 28.59
C ALA C 44 2.47 -10.13 27.74
N LEU C 45 2.44 -10.41 26.44
CA LEU C 45 1.44 -9.82 25.57
C LEU C 45 0.01 -10.35 25.81
N GLY C 46 -0.12 -11.65 26.10
CA GLY C 46 -1.40 -12.22 26.47
C GLY C 46 -1.92 -11.59 27.76
N GLU C 47 -1.01 -11.30 28.68
CA GLU C 47 -1.35 -10.67 29.93
C GLU C 47 -1.76 -9.21 29.67
N TYR C 48 -1.07 -8.54 28.74
CA TYR C 48 -1.45 -7.17 28.35
C TYR C 48 -2.87 -7.14 27.79
N GLU C 49 -3.14 -8.09 26.92
CA GLU C 49 -4.47 -8.24 26.26
C GLU C 49 -5.62 -8.27 27.28
N THR C 50 -5.42 -8.94 28.40
CA THR C 50 -6.52 -9.12 29.36
C THR C 50 -6.57 -8.06 30.46
N ASP C 51 -5.50 -7.27 30.57
CA ASP C 51 -5.43 -6.26 31.59
C ASP C 51 -6.16 -4.98 31.12
N THR C 52 -7.35 -4.76 31.64
CA THR C 52 -8.14 -3.59 31.26
C THR C 52 -7.61 -2.27 31.84
N ASP C 53 -6.66 -2.32 32.77
CA ASP C 53 -5.98 -1.10 33.22
C ASP C 53 -4.85 -0.67 32.25
N LEU C 54 -4.55 -1.47 31.24
CA LEU C 54 -3.55 -1.10 30.27
C LEU C 54 -4.20 -0.70 28.96
N ARG C 55 -3.77 0.45 28.40
CA ARG C 55 -4.34 1.03 27.19
C ARG C 55 -3.39 1.11 26.00
N ALA C 56 -2.10 0.85 26.23
CA ALA C 56 -1.12 0.80 25.15
C ALA C 56 0.11 0.09 25.69
N ALA C 57 0.89 -0.50 24.79
CA ALA C 57 2.11 -1.20 25.15
C ALA C 57 3.23 -0.72 24.23
N VAL C 58 4.40 -0.47 24.83
CA VAL C 58 5.63 -0.13 24.10
C VAL C 58 6.66 -1.25 24.26
N LEU C 59 7.24 -1.65 23.14
CA LEU C 59 8.24 -2.72 23.09
C LEU C 59 9.54 -2.15 22.53
N TYR C 60 10.64 -2.35 23.26
CA TYR C 60 11.98 -1.89 22.83
C TYR C 60 13.02 -2.94 23.21
N GLY C 61 14.28 -2.68 22.89
CA GLY C 61 15.38 -3.58 23.23
C GLY C 61 16.33 -2.92 24.21
N GLU C 62 16.66 -3.61 25.32
CA GLU C 62 17.78 -3.18 26.22
C GLU C 62 19.15 -3.31 25.53
N GLY C 63 20.09 -2.46 25.93
CA GLY C 63 21.45 -2.54 25.43
C GLY C 63 21.60 -1.93 24.06
N PRO C 64 22.60 -2.40 23.29
CA PRO C 64 23.03 -1.71 22.07
C PRO C 64 22.22 -1.95 20.78
N LEU C 65 21.22 -2.83 20.83
CA LEU C 65 20.41 -3.11 19.66
C LEU C 65 19.00 -3.58 20.05
N PHE C 66 18.07 -3.46 19.11
CA PHE C 66 16.71 -3.96 19.34
C PHE C 66 16.71 -5.48 19.44
N THR C 67 17.14 -6.15 18.38
CA THR C 67 17.27 -7.59 18.36
C THR C 67 18.11 -8.10 17.21
N ALA C 68 18.87 -9.16 17.48
CA ALA C 68 19.64 -9.85 16.45
C ALA C 68 18.81 -10.93 15.76
N GLY C 69 17.52 -11.03 16.08
CA GLY C 69 16.64 -11.95 15.36
C GLY C 69 16.42 -13.29 16.05
N LEU C 70 16.33 -14.37 15.28
CA LEU C 70 16.00 -15.68 15.82
C LEU C 70 17.26 -16.35 16.29
N ASP C 71 17.24 -16.94 17.48
CA ASP C 71 18.39 -17.73 17.94
C ASP C 71 18.26 -19.07 17.22
N LEU C 72 18.85 -19.11 16.01
CA LEU C 72 18.71 -20.23 15.05
C LEU C 72 18.20 -21.53 15.67
N ALA C 73 19.07 -22.21 16.41
CA ALA C 73 18.67 -23.13 17.50
C ALA C 73 19.42 -22.57 18.69
N SER C 74 19.00 -22.71 19.96
CA SER C 74 17.67 -23.01 20.50
C SER C 74 16.50 -23.57 19.71
N VAL C 75 15.98 -22.80 18.75
CA VAL C 75 14.68 -23.10 18.14
C VAL C 75 14.72 -24.15 17.02
N ALA C 76 15.75 -24.10 16.17
CA ALA C 76 15.84 -24.92 14.95
C ALA C 76 15.28 -26.34 15.10
N ALA C 77 15.83 -27.08 16.05
CA ALA C 77 15.39 -28.45 16.32
C ALA C 77 13.87 -28.54 16.54
N GLU C 78 13.33 -27.59 17.29
CA GLU C 78 11.91 -27.62 17.68
C GLU C 78 10.97 -27.11 16.60
N ILE C 79 11.51 -26.37 15.63
CA ILE C 79 10.76 -25.99 14.43
C ILE C 79 10.76 -27.15 13.43
N GLN C 80 11.89 -27.86 13.33
CA GLN C 80 11.96 -29.09 12.54
C GLN C 80 10.85 -30.09 12.88
N GLY C 81 10.47 -30.15 14.16
CA GLY C 81 9.49 -31.12 14.66
C GLY C 81 8.05 -30.65 14.85
N GLY C 82 7.75 -29.40 14.52
CA GLY C 82 6.36 -28.92 14.46
C GLY C 82 5.72 -28.31 15.70
N ALA C 83 6.45 -28.22 16.81
CA ALA C 83 5.88 -27.73 18.08
C ALA C 83 5.51 -26.24 18.03
N SER C 84 4.43 -25.87 18.73
CA SER C 84 4.02 -24.48 18.89
C SER C 84 4.74 -23.83 20.07
N LEU C 85 5.35 -22.67 19.84
CA LEU C 85 6.06 -21.93 20.87
C LEU C 85 5.18 -20.87 21.55
N THR C 86 3.86 -21.00 21.43
CA THR C 86 2.93 -20.10 22.10
C THR C 86 2.32 -20.83 23.29
N PRO C 87 2.70 -20.44 24.50
CA PRO C 87 2.16 -21.13 25.67
C PRO C 87 0.71 -20.79 25.96
N GLU C 88 0.03 -21.66 26.70
CA GLU C 88 -1.32 -21.37 27.20
C GLU C 88 -1.32 -20.01 27.88
N GLY C 89 -2.32 -19.19 27.58
CA GLY C 89 -2.37 -17.82 28.09
C GLY C 89 -1.64 -16.79 27.21
N GLY C 90 -0.76 -17.25 26.33
CA GLY C 90 0.05 -16.34 25.51
C GLY C 90 -0.60 -15.97 24.18
N ILE C 91 -0.01 -14.99 23.49
CA ILE C 91 -0.37 -14.71 22.10
C ILE C 91 0.92 -14.60 21.29
N ASN C 92 0.96 -15.21 20.11
CA ASN C 92 2.12 -15.08 19.23
C ASN C 92 2.40 -13.57 18.99
N PRO C 93 3.55 -13.05 19.46
CA PRO C 93 3.82 -11.62 19.31
C PRO C 93 3.81 -11.17 17.86
N TRP C 94 4.14 -12.06 16.94
CA TRP C 94 4.07 -11.74 15.53
C TRP C 94 2.66 -11.88 14.97
N GLN C 95 1.75 -12.48 15.74
CA GLN C 95 0.32 -12.41 15.44
C GLN C 95 -0.02 -12.94 14.04
N VAL C 96 0.57 -14.09 13.72
CA VAL C 96 0.40 -14.74 12.42
C VAL C 96 -0.26 -16.13 12.52
N ASP C 97 -0.91 -16.42 13.65
CA ASP C 97 -1.61 -17.70 13.82
C ASP C 97 -3.13 -17.52 13.79
N GLY C 98 -3.61 -16.34 13.40
CA GLY C 98 -5.04 -16.07 13.32
C GLY C 98 -5.60 -15.32 14.53
N ARG C 99 -4.71 -14.85 15.41
CA ARG C 99 -5.10 -14.01 16.52
C ARG C 99 -4.25 -12.74 16.60
N GLN C 100 -4.90 -11.60 16.79
CA GLN C 100 -4.17 -10.36 16.97
C GLN C 100 -4.57 -9.61 18.23
N LEU C 101 -3.65 -8.79 18.69
CA LEU C 101 -3.85 -7.94 19.87
C LEU C 101 -5.04 -7.03 19.66
N SER C 102 -5.87 -6.89 20.70
CA SER C 102 -7.03 -6.01 20.67
C SER C 102 -6.70 -4.55 20.96
N LYS C 103 -5.49 -4.29 21.43
CA LYS C 103 -5.10 -2.97 21.90
C LYS C 103 -3.74 -2.60 21.32
N PRO C 104 -3.38 -1.30 21.34
CA PRO C 104 -2.23 -0.87 20.54
C PRO C 104 -0.86 -1.37 21.01
N LEU C 105 0.00 -1.65 20.03
CA LEU C 105 1.41 -1.99 20.28
C LEU C 105 2.31 -1.03 19.49
N LEU C 106 3.23 -0.38 20.19
CA LEU C 106 4.23 0.45 19.56
C LEU C 106 5.60 -0.21 19.76
N VAL C 107 6.45 -0.12 18.74
CA VAL C 107 7.78 -0.68 18.77
C VAL C 107 8.79 0.44 18.59
N ALA C 108 9.76 0.49 19.50
CA ALA C 108 10.81 1.49 19.50
C ALA C 108 12.13 0.80 19.21
N VAL C 109 12.75 1.13 18.08
CA VAL C 109 13.96 0.46 17.65
C VAL C 109 15.19 1.37 17.57
N HIS C 110 16.36 0.76 17.71
CA HIS C 110 17.64 1.46 17.69
C HIS C 110 18.69 0.40 17.39
N GLY C 111 19.80 0.80 16.79
CA GLY C 111 20.83 -0.17 16.44
C GLY C 111 20.32 -1.20 15.46
N LYS C 112 20.83 -2.43 15.55
CA LYS C 112 20.45 -3.49 14.61
C LYS C 112 19.03 -4.06 14.89
N VAL C 113 18.27 -4.17 13.80
CA VAL C 113 16.92 -4.70 13.80
C VAL C 113 16.97 -5.79 12.72
N LEU C 114 17.25 -7.02 13.14
CA LEU C 114 17.41 -8.13 12.21
C LEU C 114 16.23 -9.09 12.19
N THR C 115 15.93 -9.59 11.00
CA THR C 115 14.96 -10.68 10.75
C THR C 115 13.63 -10.47 11.48
N LEU C 116 13.41 -11.23 12.55
CA LEU C 116 12.19 -11.15 13.37
C LEU C 116 11.92 -9.80 13.95
N GLY C 117 12.97 -9.02 14.18
CA GLY C 117 12.80 -7.63 14.62
C GLY C 117 12.07 -6.74 13.63
N ILE C 118 12.35 -6.91 12.33
CA ILE C 118 11.63 -6.18 11.30
C ILE C 118 10.19 -6.66 11.36
N GLU C 119 10.00 -7.97 11.57
CA GLU C 119 8.64 -8.52 11.59
C GLU C 119 7.82 -8.12 12.83
N LEU C 120 8.50 -7.87 13.95
CA LEU C 120 7.83 -7.32 15.15
C LEU C 120 7.34 -5.91 14.87
N ALA C 121 8.21 -5.13 14.23
CA ALA C 121 7.83 -3.77 13.89
C ALA C 121 6.62 -3.81 12.97
N LEU C 122 6.68 -4.67 11.95
CA LEU C 122 5.55 -4.80 11.02
C LEU C 122 4.26 -5.31 11.70
N ALA C 123 4.39 -6.15 12.73
CA ALA C 123 3.21 -6.62 13.49
C ALA C 123 2.57 -5.55 14.37
N ALA C 124 3.35 -4.53 14.74
CA ALA C 124 2.92 -3.46 15.62
C ALA C 124 2.10 -2.42 14.89
N ASP C 125 1.64 -1.42 15.64
CA ASP C 125 0.78 -0.38 15.11
C ASP C 125 1.52 0.90 14.79
N ILE C 126 2.54 1.21 15.58
CA ILE C 126 3.34 2.40 15.37
C ILE C 126 4.80 2.04 15.66
N VAL C 127 5.69 2.48 14.75
CA VAL C 127 7.12 2.23 14.86
C VAL C 127 7.95 3.51 14.89
N ILE C 128 8.75 3.66 15.93
CA ILE C 128 9.66 4.80 16.11
C ILE C 128 11.09 4.28 16.09
N ALA C 129 11.95 4.89 15.28
CA ALA C 129 13.38 4.52 15.20
C ALA C 129 14.22 5.69 15.66
N ASP C 130 15.34 5.42 16.34
CA ASP C 130 16.33 6.47 16.50
C ASP C 130 17.22 6.46 15.26
N GLU C 131 18.02 7.50 15.11
CA GLU C 131 18.82 7.69 13.91
C GLU C 131 19.86 6.59 13.66
N THR C 132 20.14 5.76 14.66
CA THR C 132 21.13 4.69 14.51
C THR C 132 20.55 3.39 13.94
N ALA C 133 19.23 3.31 13.80
CA ALA C 133 18.60 2.02 13.46
C ALA C 133 18.96 1.60 12.05
N THR C 134 19.37 0.34 11.92
CA THR C 134 19.51 -0.30 10.61
C THR C 134 18.80 -1.63 10.65
N PHE C 135 18.53 -2.17 9.47
CA PHE C 135 17.59 -3.27 9.28
C PHE C 135 18.13 -4.26 8.22
N ALA C 136 17.97 -5.55 8.46
CA ALA C 136 18.33 -6.55 7.45
C ALA C 136 17.44 -7.78 7.56
N GLN C 137 16.84 -8.14 6.43
CA GLN C 137 15.99 -9.30 6.32
C GLN C 137 16.90 -10.45 5.87
N LEU C 138 17.64 -10.99 6.84
CA LEU C 138 18.74 -11.90 6.59
C LEU C 138 18.36 -13.35 6.34
N GLU C 139 17.07 -13.69 6.48
CA GLU C 139 16.61 -15.09 6.46
C GLU C 139 17.06 -15.85 5.20
N VAL C 140 16.95 -15.25 4.02
CA VAL C 140 17.43 -15.93 2.82
C VAL C 140 18.96 -16.09 2.80
N ASN C 141 19.69 -15.29 3.59
CA ASN C 141 21.15 -15.45 3.67
C ASN C 141 21.53 -16.64 4.56
N ARG C 142 20.57 -17.14 5.33
CA ARG C 142 20.79 -18.26 6.22
C ARG C 142 20.08 -19.54 5.78
N GLY C 143 19.66 -19.59 4.52
CA GLY C 143 19.06 -20.80 3.98
C GLY C 143 17.57 -20.98 4.20
N ILE C 144 16.92 -20.03 4.87
CA ILE C 144 15.47 -20.11 5.12
C ILE C 144 14.77 -18.93 4.42
N TYR C 145 13.72 -18.37 5.02
CA TYR C 145 13.02 -17.20 4.45
C TYR C 145 12.27 -16.52 5.59
N PRO C 146 11.69 -15.32 5.35
CA PRO C 146 11.01 -14.65 6.46
C PRO C 146 9.68 -15.29 6.78
N PHE C 147 9.55 -15.87 7.96
CA PHE C 147 8.35 -16.64 8.30
C PHE C 147 7.57 -16.05 9.47
N GLY C 148 7.84 -14.78 9.76
CA GLY C 148 7.14 -14.08 10.84
C GLY C 148 6.18 -13.00 10.35
N GLY C 149 5.82 -13.07 9.07
CA GLY C 149 4.83 -12.16 8.52
C GLY C 149 5.36 -11.10 7.56
N ALA C 150 6.69 -10.94 7.45
CA ALA C 150 7.23 -9.98 6.47
C ALA C 150 6.70 -10.22 5.04
N THR C 151 6.46 -11.48 4.67
CA THR C 151 5.98 -11.77 3.29
C THR C 151 4.58 -11.21 3.02
N ILE C 152 3.80 -11.06 4.07
CA ILE C 152 2.46 -10.51 4.00
C ILE C 152 2.52 -8.98 4.17
N ARG C 153 3.14 -8.55 5.26
CA ARG C 153 3.07 -7.15 5.71
C ARG C 153 4.04 -6.16 5.04
N PHE C 154 5.21 -6.63 4.64
CA PHE C 154 6.22 -5.75 4.08
C PHE C 154 5.74 -5.24 2.70
N PRO C 155 5.26 -6.14 1.82
CA PRO C 155 4.71 -5.63 0.57
C PRO C 155 3.50 -4.71 0.72
N ARG C 156 2.65 -4.99 1.70
CA ARG C 156 1.46 -4.17 1.94
C ARG C 156 1.86 -2.76 2.41
N THR C 157 2.82 -2.68 3.35
CA THR C 157 3.33 -1.39 3.85
C THR C 157 4.18 -0.60 2.85
N ALA C 158 5.18 -1.25 2.26
CA ALA C 158 6.21 -0.59 1.45
C ALA C 158 5.91 -0.61 -0.04
N GLY C 159 4.96 -1.44 -0.44
CA GLY C 159 4.80 -1.75 -1.85
C GLY C 159 5.63 -2.98 -2.17
N TRP C 160 5.22 -3.72 -3.18
CA TRP C 160 5.89 -4.97 -3.54
C TRP C 160 7.39 -4.77 -3.83
N GLY C 161 7.71 -3.85 -4.74
CA GLY C 161 9.09 -3.60 -5.18
C GLY C 161 10.02 -3.18 -4.05
N ASN C 162 9.59 -2.22 -3.24
CA ASN C 162 10.37 -1.80 -2.08
C ASN C 162 10.59 -2.94 -1.08
N ALA C 163 9.53 -3.72 -0.79
CA ALA C 163 9.68 -4.90 0.05
C ALA C 163 10.63 -5.97 -0.53
N MET C 164 10.50 -6.29 -1.79
CA MET C 164 11.34 -7.32 -2.38
C MET C 164 12.82 -6.91 -2.51
N ARG C 165 13.10 -5.61 -2.70
CA ARG C 165 14.48 -5.12 -2.73
C ARG C 165 15.26 -5.55 -1.49
N TRP C 166 14.60 -5.57 -0.34
CA TRP C 166 15.26 -5.93 0.92
C TRP C 166 15.06 -7.40 1.28
N MET C 167 13.86 -7.94 1.05
CA MET C 167 13.61 -9.33 1.40
C MET C 167 14.35 -10.34 0.52
N LEU C 168 14.56 -10.03 -0.75
CA LEU C 168 15.14 -11.03 -1.65
C LEU C 168 16.69 -10.99 -1.60
N THR C 169 17.24 -9.88 -1.11
CA THR C 169 18.68 -9.63 -1.13
C THR C 169 19.36 -9.81 0.22
N ALA C 170 18.59 -9.71 1.31
CA ALA C 170 19.14 -9.63 2.67
C ALA C 170 20.06 -8.41 2.91
N ASP C 171 20.01 -7.40 2.03
CA ASP C 171 20.84 -6.20 2.18
C ASP C 171 20.36 -5.38 3.40
N THR C 172 21.30 -4.70 4.02
CA THR C 172 21.04 -3.80 5.13
C THR C 172 20.50 -2.47 4.60
N PHE C 173 19.49 -1.95 5.28
CA PHE C 173 18.96 -0.64 4.97
C PHE C 173 18.83 0.18 6.25
N ASP C 174 18.88 1.52 6.11
CA ASP C 174 18.94 2.42 7.27
C ASP C 174 17.59 3.04 7.63
N ALA C 175 17.57 3.80 8.71
CA ALA C 175 16.34 4.37 9.24
C ALA C 175 15.70 5.23 8.18
N VAL C 176 16.53 5.92 7.39
CA VAL C 176 16.01 6.85 6.38
C VAL C 176 15.20 6.07 5.35
N GLU C 177 15.77 4.99 4.83
CA GLU C 177 15.04 4.10 3.90
C GLU C 177 13.79 3.50 4.56
N ALA C 178 13.95 2.97 5.77
CA ALA C 178 12.85 2.35 6.53
C ALA C 178 11.67 3.32 6.67
N HIS C 179 11.98 4.59 6.89
CA HIS C 179 10.97 5.64 7.00
C HIS C 179 10.33 6.02 5.65
N ARG C 180 11.17 6.11 4.62
CA ARG C 180 10.74 6.39 3.25
C ARG C 180 9.70 5.39 2.79
N ILE C 181 9.94 4.11 3.09
CA ILE C 181 9.09 3.06 2.59
C ILE C 181 7.95 2.68 3.53
N GLY C 182 7.83 3.35 4.69
CA GLY C 182 6.59 3.25 5.49
C GLY C 182 6.63 2.38 6.71
N ILE C 183 7.75 1.67 6.93
CA ILE C 183 7.92 0.80 8.11
C ILE C 183 8.08 1.61 9.40
N VAL C 184 8.87 2.67 9.31
CA VAL C 184 9.15 3.53 10.45
C VAL C 184 8.33 4.79 10.31
N GLN C 185 7.57 5.13 11.34
CA GLN C 185 6.72 6.33 11.29
C GLN C 185 7.48 7.63 11.55
N GLU C 186 8.48 7.57 12.41
CA GLU C 186 9.25 8.77 12.76
C GLU C 186 10.68 8.38 13.13
N ILE C 187 11.65 9.17 12.67
CA ILE C 187 13.02 9.01 13.09
C ILE C 187 13.33 10.12 14.09
N VAL C 188 13.94 9.74 15.22
CA VAL C 188 14.30 10.70 16.27
C VAL C 188 15.80 10.61 16.59
N PRO C 189 16.32 11.61 17.33
CA PRO C 189 17.74 11.58 17.64
C PRO C 189 18.16 10.36 18.46
N VAL C 190 19.45 10.05 18.41
CA VAL C 190 19.99 8.88 19.12
C VAL C 190 19.47 8.81 20.57
N GLY C 191 18.94 7.66 20.96
CA GLY C 191 18.53 7.41 22.35
C GLY C 191 17.13 7.86 22.74
N GLU C 192 16.39 8.47 21.81
CA GLU C 192 15.10 9.10 22.11
C GLU C 192 13.90 8.28 21.70
N HIS C 193 14.15 7.14 21.05
CA HIS C 193 13.11 6.24 20.55
C HIS C 193 12.09 5.74 21.59
N VAL C 194 12.55 5.25 22.74
CA VAL C 194 11.61 4.70 23.75
C VAL C 194 10.76 5.83 24.34
N ASP C 195 11.40 6.92 24.72
CA ASP C 195 10.69 8.07 25.26
C ASP C 195 9.68 8.67 24.28
N THR C 196 10.04 8.75 23.00
CA THR C 196 9.07 9.21 22.00
C THR C 196 7.92 8.21 21.85
N ALA C 197 8.25 6.92 21.81
CA ALA C 197 7.20 5.89 21.71
C ALA C 197 6.23 5.93 22.91
N ILE C 198 6.78 6.10 24.11
CA ILE C 198 5.96 6.23 25.34
C ILE C 198 5.07 7.47 25.28
N ALA C 199 5.61 8.61 24.82
CA ALA C 199 4.82 9.84 24.72
C ALA C 199 3.62 9.61 23.81
N ILE C 200 3.85 8.93 22.68
CA ILE C 200 2.77 8.62 21.76
C ILE C 200 1.78 7.64 22.41
N ALA C 201 2.30 6.62 23.09
CA ALA C 201 1.44 5.67 23.83
C ALA C 201 0.55 6.40 24.85
N GLN C 202 1.11 7.45 25.47
CA GLN C 202 0.37 8.17 26.51
C GLN C 202 -0.71 9.01 25.85
N THR C 203 -0.44 9.53 24.66
CA THR C 203 -1.49 10.21 23.90
C THR C 203 -2.65 9.26 23.59
N ILE C 204 -2.33 8.06 23.09
CA ILE C 204 -3.33 7.01 22.88
C ILE C 204 -4.11 6.65 24.15
N ALA C 205 -3.40 6.50 25.26
CA ALA C 205 -4.04 6.17 26.54
C ALA C 205 -4.96 7.29 27.05
N ARG C 206 -4.80 8.50 26.52
CA ARG C 206 -5.72 9.60 26.82
C ARG C 206 -6.98 9.53 25.97
N GLN C 207 -7.00 8.72 24.92
CA GLN C 207 -8.17 8.66 24.04
C GLN C 207 -9.14 7.59 24.55
N ALA C 208 -10.32 7.49 23.94
CA ALA C 208 -11.37 6.59 24.42
C ALA C 208 -11.01 5.14 24.09
N PRO C 209 -10.76 4.30 25.11
CA PRO C 209 -10.27 2.94 24.85
C PRO C 209 -11.17 2.08 23.95
N LEU C 210 -12.48 2.19 24.05
CA LEU C 210 -13.36 1.41 23.17
C LEU C 210 -13.31 1.93 21.72
N GLY C 211 -13.05 3.23 21.56
CA GLY C 211 -12.89 3.84 20.24
C GLY C 211 -11.58 3.41 19.61
N VAL C 212 -10.52 3.36 20.42
CA VAL C 212 -9.22 2.89 19.94
C VAL C 212 -9.31 1.43 19.50
N GLN C 213 -9.99 0.62 20.32
CA GLN C 213 -10.15 -0.81 20.05
C GLN C 213 -10.98 -1.03 18.79
N ALA C 214 -12.03 -0.23 18.62
CA ALA C 214 -12.88 -0.30 17.45
C ALA C 214 -12.12 0.05 16.16
N THR C 215 -11.22 1.03 16.24
CA THR C 215 -10.37 1.42 15.09
C THR C 215 -9.53 0.23 14.65
N LEU C 216 -8.78 -0.35 15.59
CA LEU C 216 -8.04 -1.57 15.32
C LEU C 216 -8.95 -2.71 14.76
N ARG C 217 -10.04 -3.02 15.44
CA ARG C 217 -10.90 -4.14 15.05
C ARG C 217 -11.48 -3.98 13.62
N ASN C 218 -12.06 -2.82 13.31
CA ASN C 218 -12.61 -2.62 11.97
C ASN C 218 -11.51 -2.65 10.89
N ALA C 219 -10.38 -2.04 11.20
CA ALA C 219 -9.21 -2.04 10.28
C ALA C 219 -8.71 -3.45 9.94
N ARG C 220 -8.64 -4.30 10.98
CA ARG C 220 -8.26 -5.72 10.79
C ARG C 220 -9.31 -6.48 10.02
N LEU C 221 -10.58 -6.22 10.27
CA LEU C 221 -11.64 -6.88 9.53
C LEU C 221 -11.52 -6.61 8.03
N ALA C 222 -11.21 -5.36 7.68
CA ALA C 222 -11.06 -4.97 6.30
C ALA C 222 -9.97 -5.80 5.63
N VAL C 223 -8.84 -5.94 6.32
CA VAL C 223 -7.72 -6.72 5.78
C VAL C 223 -8.07 -8.21 5.70
N ARG C 224 -8.79 -8.74 6.69
CA ARG C 224 -9.03 -10.18 6.77
C ARG C 224 -10.23 -10.66 5.96
N GLU C 225 -11.30 -9.86 5.90
CA GLU C 225 -12.54 -10.26 5.21
C GLU C 225 -12.90 -9.41 3.98
N GLY C 226 -12.31 -8.22 3.84
CA GLY C 226 -12.53 -7.36 2.68
C GLY C 226 -13.30 -6.10 3.04
N ASP C 227 -13.39 -5.19 2.07
CA ASP C 227 -14.02 -3.89 2.27
C ASP C 227 -15.48 -4.04 2.71
N ALA C 228 -16.24 -4.91 2.04
CA ALA C 228 -17.68 -5.06 2.35
C ALA C 228 -17.91 -5.46 3.80
N ALA C 229 -17.08 -6.37 4.30
CA ALA C 229 -17.20 -6.90 5.64
C ALA C 229 -16.98 -5.78 6.66
N ALA C 230 -15.97 -4.94 6.40
CA ALA C 230 -15.67 -3.80 7.26
C ALA C 230 -16.78 -2.75 7.21
N GLU C 231 -17.20 -2.41 5.99
CA GLU C 231 -18.25 -1.44 5.74
C GLU C 231 -19.51 -1.73 6.52
N GLU C 232 -19.89 -3.01 6.49
CA GLU C 232 -21.10 -3.50 7.12
C GLU C 232 -21.13 -3.21 8.62
N GLN C 233 -19.97 -3.27 9.26
CA GLN C 233 -19.86 -3.01 10.69
C GLN C 233 -19.67 -1.54 11.09
N LEU C 234 -19.48 -0.62 10.12
CA LEU C 234 -19.11 0.77 10.47
C LEU C 234 -20.15 1.44 11.35
N VAL C 235 -21.40 1.45 10.88
CA VAL C 235 -22.48 2.13 11.60
C VAL C 235 -22.97 1.34 12.81
N PRO C 236 -23.13 0.01 12.70
CA PRO C 236 -23.47 -0.68 13.96
C PRO C 236 -22.44 -0.45 15.05
N THR C 237 -21.16 -0.37 14.69
CA THR C 237 -20.15 -0.18 15.70
C THR C 237 -20.25 1.23 16.32
N VAL C 238 -20.44 2.27 15.53
CA VAL C 238 -20.52 3.61 16.09
C VAL C 238 -21.77 3.76 16.97
N ARG C 239 -22.86 3.08 16.58
CA ARG C 239 -24.07 3.07 17.36
C ARG C 239 -23.84 2.45 18.74
N GLU C 240 -23.17 1.29 18.79
CA GLU C 240 -22.78 0.67 20.06
C GLU C 240 -21.89 1.60 20.91
N LEU C 241 -21.00 2.37 20.26
CA LEU C 241 -20.12 3.32 20.99
C LEU C 241 -20.90 4.53 21.58
N PHE C 242 -21.91 5.01 20.87
CA PHE C 242 -22.76 6.10 21.37
C PHE C 242 -23.42 5.76 22.69
N THR C 243 -23.65 4.47 22.88
CA THR C 243 -24.19 3.88 24.10
C THR C 243 -23.23 3.95 25.30
N SER C 244 -21.93 4.13 25.04
CA SER C 244 -20.93 4.06 26.10
C SER C 244 -20.95 5.30 27.03
N GLU C 245 -20.44 5.11 28.24
CA GLU C 245 -20.15 6.23 29.16
C GLU C 245 -19.17 7.22 28.51
N ASP C 246 -18.16 6.68 27.85
CA ASP C 246 -17.14 7.52 27.21
C ASP C 246 -17.67 8.42 26.11
N ALA C 247 -18.66 7.97 25.34
CA ALA C 247 -19.26 8.82 24.32
C ALA C 247 -19.87 10.08 24.97
N THR C 248 -20.56 9.92 26.10
CA THR C 248 -21.13 11.10 26.76
C THR C 248 -20.02 11.97 27.40
N LEU C 249 -18.98 11.33 27.95
CA LEU C 249 -17.81 12.09 28.44
C LEU C 249 -17.15 12.88 27.30
N GLY C 250 -17.02 12.25 26.13
CA GLY C 250 -16.40 12.88 24.97
C GLY C 250 -17.23 14.03 24.43
N VAL C 251 -18.55 13.86 24.42
CA VAL C 251 -19.47 14.93 24.05
C VAL C 251 -19.35 16.15 24.99
N GLN C 252 -19.29 15.88 26.30
CA GLN C 252 -19.22 16.97 27.28
C GLN C 252 -17.92 17.78 27.15
N ALA C 253 -16.82 17.08 26.86
CA ALA C 253 -15.54 17.73 26.61
C ALA C 253 -15.58 18.56 25.30
N PHE C 254 -16.18 18.01 24.24
CA PHE C 254 -16.37 18.77 22.99
C PHE C 254 -17.06 20.11 23.26
N LEU C 255 -18.17 20.07 24.02
CA LEU C 255 -18.94 21.28 24.34
C LEU C 255 -18.20 22.25 25.27
N SER C 256 -17.46 21.71 26.25
CA SER C 256 -16.71 22.53 27.21
C SER C 256 -15.30 22.92 26.69
N ARG C 257 -14.93 22.42 25.51
CA ARG C 257 -13.59 22.59 24.95
C ARG C 257 -12.47 22.14 25.91
N THR C 258 -12.68 20.98 26.55
CA THR C 258 -11.77 20.45 27.57
C THR C 258 -11.36 19.01 27.22
N THR C 259 -10.40 18.48 27.98
CA THR C 259 -9.90 17.11 27.78
C THR C 259 -10.73 16.12 28.60
N ALA C 260 -11.32 15.13 27.93
CA ALA C 260 -12.07 14.07 28.61
C ALA C 260 -11.14 13.13 29.38
N GLU C 261 -11.61 12.66 30.53
CA GLU C 261 -10.99 11.60 31.30
C GLU C 261 -11.84 10.35 31.08
N PHE C 262 -11.49 9.58 30.05
CA PHE C 262 -12.28 8.42 29.65
C PHE C 262 -12.03 7.28 30.62
N VAL C 263 -13.02 6.40 30.75
CA VAL C 263 -12.97 5.24 31.67
C VAL C 263 -12.97 3.87 30.96
N GLY C 264 -13.21 3.82 29.65
CA GLY C 264 -13.10 2.56 28.90
C GLY C 264 -14.36 1.72 28.99
N ARG C 265 -15.50 2.40 29.06
CA ARG C 265 -16.80 1.77 28.97
C ARG C 265 -17.80 2.82 28.52
#